data_2EM2
#
_entry.id   2EM2
#
loop_
_entity.id
_entity.type
_entity.pdbx_description
1 polymer 'Zinc finger protein 28 homolog'
2 non-polymer 'ZINC ION'
#
_entity_poly.entity_id   1
_entity_poly.type   'polypeptide(L)'
_entity_poly.pdbx_seq_one_letter_code
;GSSGSSGSGEKPFKCKECGKAFRQNIHLASHLRIHTGEKPSGPSSG
;
_entity_poly.pdbx_strand_id   A
#
# COMPACT_ATOMS: atom_id res chain seq x y z
N GLY A 1 -5.26 -14.08 -17.42
CA GLY A 1 -6.08 -14.13 -16.23
C GLY A 1 -7.03 -15.31 -16.22
N SER A 2 -6.56 -16.44 -15.68
CA SER A 2 -7.36 -17.65 -15.62
C SER A 2 -7.85 -17.91 -14.19
N SER A 3 -6.94 -17.74 -13.23
CA SER A 3 -7.27 -17.98 -11.83
C SER A 3 -8.32 -16.96 -11.35
N GLY A 4 -9.06 -17.35 -10.32
CA GLY A 4 -10.09 -16.48 -9.79
C GLY A 4 -9.62 -15.71 -8.56
N SER A 5 -10.41 -15.75 -7.50
CA SER A 5 -10.07 -15.06 -6.27
C SER A 5 -10.52 -15.84 -5.05
N SER A 6 -9.68 -15.88 -4.01
CA SER A 6 -10.01 -16.60 -2.79
C SER A 6 -9.78 -15.72 -1.57
N GLY A 7 -8.62 -15.09 -1.51
CA GLY A 7 -8.30 -14.23 -0.38
C GLY A 7 -7.78 -12.87 -0.83
N SER A 8 -8.66 -11.88 -0.89
CA SER A 8 -8.28 -10.54 -1.31
C SER A 8 -8.11 -9.63 -0.09
N GLY A 9 -9.15 -9.53 0.72
CA GLY A 9 -9.10 -8.68 1.90
C GLY A 9 -10.22 -7.68 1.94
N GLU A 10 -10.58 -7.24 3.14
CA GLU A 10 -11.65 -6.27 3.32
C GLU A 10 -11.14 -5.03 4.05
N LYS A 11 -10.52 -4.12 3.30
CA LYS A 11 -10.00 -2.89 3.87
C LYS A 11 -10.37 -1.69 3.01
N PRO A 12 -10.70 -0.56 3.67
CA PRO A 12 -11.08 0.67 2.99
C PRO A 12 -9.91 1.32 2.26
N PHE A 13 -8.71 1.10 2.78
CA PHE A 13 -7.50 1.67 2.17
C PHE A 13 -6.62 0.57 1.58
N LYS A 14 -6.26 0.72 0.32
CA LYS A 14 -5.42 -0.26 -0.37
C LYS A 14 -4.31 0.42 -1.16
N CYS A 15 -3.15 -0.21 -1.23
CA CYS A 15 -2.01 0.34 -1.96
C CYS A 15 -2.15 0.10 -3.46
N LYS A 16 -2.02 1.15 -4.24
CA LYS A 16 -2.14 1.05 -5.69
C LYS A 16 -0.78 0.78 -6.33
N GLU A 17 0.13 0.21 -5.54
CA GLU A 17 1.46 -0.11 -6.03
C GLU A 17 1.78 -1.59 -5.85
N CYS A 18 1.52 -2.11 -4.66
CA CYS A 18 1.77 -3.51 -4.36
C CYS A 18 0.46 -4.26 -4.12
N GLY A 19 -0.38 -3.70 -3.26
CA GLY A 19 -1.67 -4.32 -2.96
C GLY A 19 -1.89 -4.49 -1.47
N LYS A 20 -1.14 -3.74 -0.67
CA LYS A 20 -1.26 -3.80 0.78
C LYS A 20 -2.57 -3.17 1.25
N ALA A 21 -3.11 -3.69 2.33
CA ALA A 21 -4.36 -3.16 2.88
C ALA A 21 -4.12 -2.45 4.21
N PHE A 22 -4.98 -1.49 4.52
CA PHE A 22 -4.86 -0.73 5.76
C PHE A 22 -6.24 -0.43 6.35
N ARG A 23 -6.25 0.20 7.53
CA ARG A 23 -7.50 0.53 8.19
C ARG A 23 -7.68 2.05 8.26
N GLN A 24 -6.58 2.77 8.41
CA GLN A 24 -6.62 4.23 8.48
C GLN A 24 -5.91 4.85 7.29
N ASN A 25 -6.40 6.00 6.84
CA ASN A 25 -5.82 6.70 5.71
C ASN A 25 -4.36 7.05 5.98
N ILE A 26 -4.02 7.22 7.25
CA ILE A 26 -2.67 7.56 7.65
C ILE A 26 -1.73 6.38 7.44
N HIS A 27 -2.24 5.17 7.65
CA HIS A 27 -1.44 3.96 7.47
C HIS A 27 -1.03 3.78 6.01
N LEU A 28 -1.97 4.03 5.10
CA LEU A 28 -1.72 3.90 3.68
C LEU A 28 -0.73 4.97 3.19
N ALA A 29 -1.03 6.22 3.52
CA ALA A 29 -0.17 7.34 3.14
C ALA A 29 1.24 7.15 3.66
N SER A 30 1.36 6.65 4.88
CA SER A 30 2.66 6.42 5.51
C SER A 30 3.36 5.22 4.88
N HIS A 31 2.59 4.38 4.19
CA HIS A 31 3.13 3.19 3.55
C HIS A 31 3.60 3.51 2.13
N LEU A 32 2.73 4.15 1.35
CA LEU A 32 3.06 4.51 -0.02
C LEU A 32 4.43 5.16 -0.10
N ARG A 33 4.89 5.69 1.03
CA ARG A 33 6.19 6.34 1.08
C ARG A 33 7.32 5.34 0.86
N ILE A 34 7.15 4.15 1.42
CA ILE A 34 8.16 3.09 1.28
C ILE A 34 8.50 2.85 -0.18
N HIS A 35 7.56 3.17 -1.06
CA HIS A 35 7.75 2.98 -2.50
C HIS A 35 8.67 4.06 -3.06
N THR A 36 8.54 5.28 -2.53
CA THR A 36 9.35 6.40 -2.99
C THR A 36 10.82 6.02 -3.07
N GLY A 37 11.52 6.56 -4.06
CA GLY A 37 12.93 6.26 -4.24
C GLY A 37 13.16 5.10 -5.18
N GLU A 38 13.45 5.39 -6.44
CA GLU A 38 13.69 4.35 -7.43
C GLU A 38 15.15 4.37 -7.89
N LYS A 39 16.00 3.76 -7.07
CA LYS A 39 17.43 3.70 -7.38
C LYS A 39 18.03 2.37 -6.93
N PRO A 40 18.95 1.83 -7.73
CA PRO A 40 19.61 0.55 -7.43
C PRO A 40 20.57 0.66 -6.25
N SER A 41 21.06 1.88 -6.00
CA SER A 41 21.98 2.11 -4.91
C SER A 41 21.91 3.57 -4.44
N GLY A 42 21.72 3.74 -3.13
CA GLY A 42 21.64 5.08 -2.58
C GLY A 42 22.98 5.63 -2.15
N PRO A 43 22.97 6.69 -1.34
CA PRO A 43 24.20 7.32 -0.85
C PRO A 43 24.95 6.44 0.14
N SER A 44 24.37 5.30 0.47
CA SER A 44 24.99 4.37 1.41
C SER A 44 25.88 3.38 0.69
N SER A 45 27.08 3.18 1.22
CA SER A 45 28.05 2.25 0.62
C SER A 45 27.33 1.06 0.00
N GLY A 46 26.35 0.52 0.71
CA GLY A 46 25.61 -0.62 0.21
C GLY A 46 26.48 -1.85 0.03
N GLY A 1 -5.65 -14.36 -2.18
CA GLY A 1 -6.62 -15.14 -1.43
C GLY A 1 -6.33 -15.16 0.06
N SER A 2 -7.20 -14.53 0.84
CA SER A 2 -7.03 -14.48 2.29
C SER A 2 -8.12 -15.28 3.00
N SER A 3 -7.70 -16.13 3.94
CA SER A 3 -8.63 -16.96 4.68
C SER A 3 -8.55 -16.66 6.18
N GLY A 4 -9.50 -15.88 6.67
CA GLY A 4 -9.53 -15.52 8.08
C GLY A 4 -10.03 -14.11 8.31
N SER A 5 -9.60 -13.51 9.42
CA SER A 5 -10.00 -12.15 9.76
C SER A 5 -11.52 -12.06 9.85
N SER A 6 -12.14 -13.06 10.47
CA SER A 6 -13.59 -13.09 10.61
C SER A 6 -14.04 -12.15 11.73
N GLY A 7 -14.99 -11.27 11.39
CA GLY A 7 -15.49 -10.32 12.38
C GLY A 7 -14.38 -9.56 13.07
N SER A 8 -13.36 -9.18 12.30
CA SER A 8 -12.23 -8.44 12.86
C SER A 8 -12.33 -6.96 12.53
N GLY A 9 -12.35 -6.65 11.24
CA GLY A 9 -12.44 -5.27 10.80
C GLY A 9 -12.44 -5.13 9.29
N GLU A 10 -12.56 -3.90 8.81
CA GLU A 10 -12.57 -3.64 7.37
C GLU A 10 -11.33 -2.84 6.95
N LYS A 11 -10.89 -3.07 5.73
CA LYS A 11 -9.72 -2.37 5.20
C LYS A 11 -10.02 -1.75 3.84
N PRO A 12 -10.76 -0.63 3.84
CA PRO A 12 -11.14 0.07 2.62
C PRO A 12 -9.95 0.76 1.96
N PHE A 13 -8.88 0.95 2.73
CA PHE A 13 -7.67 1.59 2.21
C PHE A 13 -6.69 0.56 1.68
N LYS A 14 -6.45 0.60 0.37
CA LYS A 14 -5.54 -0.33 -0.28
C LYS A 14 -4.45 0.42 -1.04
N CYS A 15 -3.30 -0.22 -1.20
CA CYS A 15 -2.17 0.39 -1.92
C CYS A 15 -2.27 0.11 -3.41
N LYS A 16 -2.27 1.18 -4.20
CA LYS A 16 -2.36 1.06 -5.65
C LYS A 16 -0.98 0.84 -6.26
N GLU A 17 -0.06 0.31 -5.47
CA GLU A 17 1.30 0.05 -5.93
C GLU A 17 1.65 -1.42 -5.79
N CYS A 18 1.34 -1.99 -4.62
CA CYS A 18 1.63 -3.40 -4.37
C CYS A 18 0.35 -4.16 -4.03
N GLY A 19 -0.49 -3.55 -3.21
CA GLY A 19 -1.74 -4.18 -2.82
C GLY A 19 -1.97 -4.14 -1.33
N LYS A 20 -0.95 -3.74 -0.58
CA LYS A 20 -1.04 -3.65 0.87
C LYS A 20 -2.32 -2.94 1.30
N ALA A 21 -3.01 -3.50 2.27
CA ALA A 21 -4.25 -2.90 2.78
C ALA A 21 -4.03 -2.23 4.12
N PHE A 22 -4.96 -1.37 4.50
CA PHE A 22 -4.87 -0.66 5.78
C PHE A 22 -6.25 -0.32 6.32
N ARG A 23 -6.30 0.21 7.53
CA ARG A 23 -7.57 0.58 8.16
C ARG A 23 -7.73 2.10 8.21
N GLN A 24 -6.61 2.80 8.31
CA GLN A 24 -6.63 4.26 8.37
C GLN A 24 -5.86 4.86 7.19
N ASN A 25 -6.38 5.96 6.66
CA ASN A 25 -5.75 6.62 5.53
C ASN A 25 -4.30 6.97 5.85
N ILE A 26 -4.02 7.22 7.13
CA ILE A 26 -2.67 7.56 7.56
C ILE A 26 -1.72 6.39 7.36
N HIS A 27 -2.20 5.18 7.63
CA HIS A 27 -1.38 3.98 7.48
C HIS A 27 -0.96 3.80 6.03
N LEU A 28 -1.91 3.89 5.11
CA LEU A 28 -1.63 3.74 3.69
C LEU A 28 -0.65 4.81 3.21
N ALA A 29 -0.97 6.07 3.48
CA ALA A 29 -0.12 7.18 3.09
C ALA A 29 1.30 7.00 3.62
N SER A 30 1.41 6.55 4.86
CA SER A 30 2.70 6.35 5.50
C SER A 30 3.45 5.19 4.82
N HIS A 31 2.70 4.31 4.19
CA HIS A 31 3.29 3.16 3.51
C HIS A 31 3.73 3.53 2.10
N LEU A 32 2.83 4.15 1.35
CA LEU A 32 3.13 4.57 -0.03
C LEU A 32 4.51 5.20 -0.12
N ARG A 33 4.98 5.74 1.00
CA ARG A 33 6.29 6.38 1.04
C ARG A 33 7.41 5.35 0.83
N ILE A 34 7.27 4.21 1.51
CA ILE A 34 8.27 3.14 1.41
C ILE A 34 8.59 2.84 -0.05
N HIS A 35 7.64 3.13 -0.94
CA HIS A 35 7.82 2.89 -2.36
C HIS A 35 8.85 3.86 -2.95
N THR A 36 8.87 5.09 -2.43
CA THR A 36 9.79 6.11 -2.90
C THR A 36 11.14 5.50 -3.28
N GLY A 37 11.50 4.42 -2.58
CA GLY A 37 12.76 3.76 -2.85
C GLY A 37 13.09 3.72 -4.33
N GLU A 38 12.67 2.65 -5.01
CA GLU A 38 12.93 2.49 -6.43
C GLU A 38 11.66 2.07 -7.17
N LYS A 39 11.58 2.43 -8.44
CA LYS A 39 10.41 2.09 -9.26
C LYS A 39 10.85 1.61 -10.64
N PRO A 40 10.19 0.55 -11.13
CA PRO A 40 10.48 -0.03 -12.44
C PRO A 40 10.06 0.89 -13.59
N SER A 41 9.05 1.72 -13.34
CA SER A 41 8.55 2.63 -14.35
C SER A 41 7.60 3.66 -13.73
N GLY A 42 7.71 4.91 -14.18
CA GLY A 42 6.86 5.96 -13.65
C GLY A 42 7.44 7.34 -13.87
N PRO A 43 6.57 8.33 -14.10
CA PRO A 43 6.98 9.72 -14.32
C PRO A 43 7.54 10.36 -13.06
N SER A 44 8.24 11.48 -13.24
CA SER A 44 8.84 12.20 -12.12
C SER A 44 9.29 13.59 -12.54
N SER A 45 9.45 14.48 -11.56
CA SER A 45 9.87 15.85 -11.83
C SER A 45 11.35 15.90 -12.23
N GLY A 46 11.64 16.64 -13.30
CA GLY A 46 13.01 16.77 -13.77
C GLY A 46 13.74 17.93 -13.13
N GLY A 1 9.58 -16.91 -8.98
CA GLY A 1 8.18 -17.15 -9.31
C GLY A 1 7.39 -17.70 -8.14
N SER A 2 7.61 -17.13 -6.96
CA SER A 2 6.93 -17.58 -5.75
C SER A 2 6.88 -16.46 -4.70
N SER A 3 5.68 -15.97 -4.42
CA SER A 3 5.51 -14.90 -3.45
C SER A 3 4.24 -15.14 -2.60
N GLY A 4 4.34 -14.81 -1.32
CA GLY A 4 3.21 -14.99 -0.43
C GLY A 4 2.11 -13.96 -0.67
N SER A 5 2.43 -12.70 -0.41
CA SER A 5 1.47 -11.61 -0.60
C SER A 5 0.34 -11.71 0.43
N SER A 6 0.71 -11.99 1.68
CA SER A 6 -0.26 -12.12 2.75
C SER A 6 -0.96 -10.79 3.02
N GLY A 7 -2.01 -10.82 3.83
CA GLY A 7 -2.74 -9.61 4.15
C GLY A 7 -4.23 -9.85 4.28
N SER A 8 -5.02 -8.81 4.03
CA SER A 8 -6.47 -8.91 4.12
C SER A 8 -7.14 -7.98 3.11
N GLY A 9 -8.28 -8.41 2.59
CA GLY A 9 -9.00 -7.61 1.62
C GLY A 9 -10.30 -7.05 2.19
N GLU A 10 -10.23 -6.47 3.37
CA GLU A 10 -11.40 -5.90 4.02
C GLU A 10 -11.12 -4.47 4.50
N LYS A 11 -10.10 -3.86 3.93
CA LYS A 11 -9.71 -2.49 4.28
C LYS A 11 -10.10 -1.51 3.19
N PRO A 12 -10.53 -0.30 3.59
CA PRO A 12 -10.92 0.75 2.65
C PRO A 12 -9.75 1.32 1.87
N PHE A 13 -8.56 1.26 2.49
CA PHE A 13 -7.35 1.76 1.85
C PHE A 13 -6.50 0.62 1.30
N LYS A 14 -6.17 0.70 0.02
CA LYS A 14 -5.37 -0.33 -0.63
C LYS A 14 -4.24 0.30 -1.46
N CYS A 15 -3.01 -0.05 -1.11
CA CYS A 15 -1.84 0.48 -1.83
C CYS A 15 -1.94 0.17 -3.32
N LYS A 16 -1.84 1.22 -4.14
CA LYS A 16 -1.90 1.07 -5.58
C LYS A 16 -0.52 0.78 -6.17
N GLU A 17 0.36 0.22 -5.34
CA GLU A 17 1.71 -0.10 -5.78
C GLU A 17 2.01 -1.59 -5.56
N CYS A 18 1.65 -2.10 -4.40
CA CYS A 18 1.88 -3.50 -4.07
C CYS A 18 0.56 -4.23 -3.87
N GLY A 19 -0.34 -3.63 -3.09
CA GLY A 19 -1.63 -4.24 -2.83
C GLY A 19 -1.88 -4.45 -1.35
N LYS A 20 -1.25 -3.62 -0.52
CA LYS A 20 -1.42 -3.72 0.92
C LYS A 20 -2.69 -3.02 1.38
N ALA A 21 -3.30 -3.54 2.44
CA ALA A 21 -4.52 -2.96 2.98
C ALA A 21 -4.25 -2.23 4.30
N PHE A 22 -4.96 -1.13 4.51
CA PHE A 22 -4.80 -0.34 5.73
C PHE A 22 -6.15 0.04 6.31
N ARG A 23 -6.26 -0.06 7.64
CA ARG A 23 -7.52 0.27 8.32
C ARG A 23 -7.78 1.76 8.26
N GLN A 24 -6.72 2.56 8.36
CA GLN A 24 -6.84 4.01 8.32
C GLN A 24 -6.01 4.59 7.18
N ASN A 25 -6.35 5.82 6.78
CA ASN A 25 -5.63 6.49 5.70
C ASN A 25 -4.18 6.77 6.10
N ILE A 26 -4.00 7.25 7.33
CA ILE A 26 -2.66 7.56 7.83
C ILE A 26 -1.69 6.42 7.52
N HIS A 27 -2.10 5.20 7.84
CA HIS A 27 -1.26 4.03 7.60
C HIS A 27 -0.90 3.90 6.13
N LEU A 28 -1.92 3.94 5.27
CA LEU A 28 -1.71 3.83 3.83
C LEU A 28 -0.74 4.89 3.34
N ALA A 29 -1.03 6.15 3.67
CA ALA A 29 -0.17 7.26 3.26
C ALA A 29 1.25 7.08 3.79
N SER A 30 1.37 6.50 4.98
CA SER A 30 2.67 6.28 5.58
C SER A 30 3.37 5.08 4.95
N HIS A 31 2.60 4.29 4.22
CA HIS A 31 3.14 3.10 3.55
C HIS A 31 3.52 3.42 2.11
N LEU A 32 2.67 4.17 1.43
CA LEU A 32 2.92 4.54 0.04
C LEU A 32 4.34 5.07 -0.14
N ARG A 33 4.80 5.85 0.83
CA ARG A 33 6.15 6.41 0.78
C ARG A 33 7.20 5.31 0.58
N ILE A 34 6.90 4.12 1.09
CA ILE A 34 7.80 2.99 0.97
C ILE A 34 8.04 2.63 -0.50
N HIS A 35 7.21 3.19 -1.37
CA HIS A 35 7.33 2.93 -2.81
C HIS A 35 7.88 4.15 -3.54
N THR A 36 7.65 5.33 -2.97
CA THR A 36 8.13 6.57 -3.57
C THR A 36 9.62 6.50 -3.86
N GLY A 37 10.03 7.12 -4.96
CA GLY A 37 11.44 7.12 -5.33
C GLY A 37 11.96 8.51 -5.63
N GLU A 38 13.03 8.58 -6.41
CA GLU A 38 13.63 9.87 -6.76
C GLU A 38 12.88 10.52 -7.93
N LYS A 39 11.69 10.00 -8.22
CA LYS A 39 10.88 10.53 -9.31
C LYS A 39 9.67 11.28 -8.77
N PRO A 40 9.23 12.32 -9.50
CA PRO A 40 8.08 13.14 -9.11
C PRO A 40 6.77 12.38 -9.23
N SER A 41 6.17 12.05 -8.09
CA SER A 41 4.90 11.33 -8.07
C SER A 41 3.83 12.09 -8.84
N GLY A 42 3.52 11.62 -10.05
CA GLY A 42 2.52 12.27 -10.86
C GLY A 42 3.09 13.36 -11.74
N PRO A 43 2.23 14.01 -12.54
CA PRO A 43 2.63 15.09 -13.44
C PRO A 43 3.02 16.35 -12.68
N SER A 44 2.78 16.36 -11.38
CA SER A 44 3.09 17.51 -10.54
C SER A 44 4.60 17.62 -10.32
N SER A 45 5.16 18.78 -10.62
CA SER A 45 6.59 19.01 -10.45
C SER A 45 6.85 20.33 -9.72
N GLY A 46 7.16 20.24 -8.43
CA GLY A 46 7.43 21.43 -7.65
C GLY A 46 8.88 21.86 -7.73
N GLY A 1 -29.63 -9.73 8.17
CA GLY A 1 -29.07 -8.69 7.35
C GLY A 1 -28.27 -9.23 6.18
N SER A 2 -28.05 -8.40 5.17
CA SER A 2 -27.30 -8.81 3.99
C SER A 2 -26.73 -7.59 3.26
N SER A 3 -25.43 -7.41 3.36
CA SER A 3 -24.76 -6.28 2.70
C SER A 3 -23.43 -6.70 2.11
N GLY A 4 -22.77 -5.78 1.43
CA GLY A 4 -21.48 -6.08 0.82
C GLY A 4 -20.52 -6.73 1.79
N SER A 5 -20.17 -6.00 2.85
CA SER A 5 -19.24 -6.51 3.86
C SER A 5 -19.83 -7.71 4.57
N SER A 6 -18.96 -8.56 5.12
CA SER A 6 -19.39 -9.75 5.83
C SER A 6 -19.00 -9.68 7.30
N GLY A 7 -19.20 -8.51 7.90
CA GLY A 7 -18.86 -8.33 9.30
C GLY A 7 -17.38 -7.99 9.50
N SER A 8 -16.79 -8.56 10.55
CA SER A 8 -15.38 -8.30 10.85
C SER A 8 -14.54 -8.33 9.58
N GLY A 9 -13.62 -7.38 9.46
CA GLY A 9 -12.76 -7.32 8.30
C GLY A 9 -13.21 -6.25 7.31
N GLU A 10 -12.51 -5.12 7.31
CA GLU A 10 -12.84 -4.02 6.42
C GLU A 10 -11.62 -3.13 6.17
N LYS A 11 -11.04 -3.24 4.99
CA LYS A 11 -9.87 -2.44 4.64
C LYS A 11 -10.02 -1.87 3.23
N PRO A 12 -10.77 -0.76 3.11
CA PRO A 12 -11.00 -0.08 1.84
C PRO A 12 -9.74 0.59 1.31
N PHE A 13 -8.75 0.75 2.18
CA PHE A 13 -7.49 1.38 1.79
C PHE A 13 -6.48 0.35 1.29
N LYS A 14 -6.32 0.27 -0.02
CA LYS A 14 -5.38 -0.68 -0.63
C LYS A 14 -4.36 0.06 -1.49
N CYS A 15 -3.08 -0.13 -1.16
CA CYS A 15 -2.00 0.51 -1.91
C CYS A 15 -2.15 0.26 -3.40
N LYS A 16 -2.08 1.33 -4.19
CA LYS A 16 -2.21 1.23 -5.64
C LYS A 16 -0.88 0.88 -6.28
N GLU A 17 -0.01 0.21 -5.52
CA GLU A 17 1.29 -0.19 -6.01
C GLU A 17 1.54 -1.68 -5.78
N CYS A 18 1.20 -2.14 -4.58
CA CYS A 18 1.38 -3.55 -4.22
C CYS A 18 0.04 -4.20 -3.91
N GLY A 19 -0.79 -3.51 -3.14
CA GLY A 19 -2.09 -4.04 -2.78
C GLY A 19 -2.25 -4.23 -1.29
N LYS A 20 -1.40 -3.57 -0.51
CA LYS A 20 -1.44 -3.67 0.94
C LYS A 20 -2.68 -2.97 1.49
N ALA A 21 -3.38 -3.65 2.40
CA ALA A 21 -4.58 -3.09 3.01
C ALA A 21 -4.26 -2.38 4.33
N PHE A 22 -4.99 -1.31 4.61
CA PHE A 22 -4.79 -0.55 5.84
C PHE A 22 -6.10 -0.28 6.54
N ARG A 23 -6.02 0.15 7.80
CA ARG A 23 -7.21 0.44 8.59
C ARG A 23 -7.48 1.94 8.65
N GLN A 24 -6.40 2.73 8.55
CA GLN A 24 -6.52 4.18 8.60
C GLN A 24 -5.86 4.82 7.39
N ASN A 25 -6.40 5.95 6.95
CA ASN A 25 -5.87 6.66 5.79
C ASN A 25 -4.42 7.08 6.03
N ILE A 26 -4.10 7.38 7.28
CA ILE A 26 -2.75 7.80 7.63
C ILE A 26 -1.76 6.65 7.47
N HIS A 27 -2.24 5.43 7.67
CA HIS A 27 -1.40 4.24 7.54
C HIS A 27 -0.99 4.02 6.09
N LEU A 28 -1.97 4.02 5.19
CA LEU A 28 -1.72 3.82 3.78
C LEU A 28 -0.73 4.86 3.25
N ALA A 29 -1.04 6.12 3.44
CA ALA A 29 -0.17 7.21 3.00
C ALA A 29 1.23 7.06 3.56
N SER A 30 1.32 6.61 4.82
CA SER A 30 2.60 6.42 5.48
C SER A 30 3.37 5.26 4.86
N HIS A 31 2.64 4.36 4.21
CA HIS A 31 3.25 3.20 3.57
C HIS A 31 3.84 3.57 2.22
N LEU A 32 3.05 4.28 1.41
CA LEU A 32 3.49 4.70 0.08
C LEU A 32 4.90 5.27 0.13
N ARG A 33 5.33 5.69 1.32
CA ARG A 33 6.66 6.25 1.50
C ARG A 33 7.73 5.30 0.96
N ILE A 34 7.71 4.06 1.45
CA ILE A 34 8.68 3.06 1.02
C ILE A 34 8.66 2.90 -0.49
N HIS A 35 7.52 3.21 -1.10
CA HIS A 35 7.36 3.10 -2.54
C HIS A 35 8.00 4.29 -3.26
N THR A 36 7.96 5.45 -2.61
CA THR A 36 8.52 6.67 -3.18
C THR A 36 9.88 6.99 -2.55
N GLY A 37 10.69 5.95 -2.35
CA GLY A 37 12.00 6.15 -1.76
C GLY A 37 13.12 5.66 -2.66
N GLU A 38 13.93 6.59 -3.14
CA GLU A 38 15.05 6.25 -4.03
C GLU A 38 16.03 5.32 -3.33
N LYS A 39 16.77 4.56 -4.12
CA LYS A 39 17.75 3.63 -3.58
C LYS A 39 19.17 4.05 -3.94
N PRO A 40 20.14 3.71 -3.08
CA PRO A 40 21.54 4.04 -3.29
C PRO A 40 22.17 3.25 -4.44
N SER A 41 21.92 1.95 -4.46
CA SER A 41 22.45 1.09 -5.51
C SER A 41 21.58 -0.15 -5.69
N GLY A 42 21.76 -0.83 -6.82
CA GLY A 42 20.98 -2.02 -7.10
C GLY A 42 21.85 -3.21 -7.43
N PRO A 43 21.23 -4.40 -7.50
CA PRO A 43 21.93 -5.66 -7.80
C PRO A 43 22.40 -5.72 -9.26
N SER A 44 21.62 -5.11 -10.14
CA SER A 44 21.95 -5.10 -11.56
C SER A 44 22.14 -3.68 -12.07
N SER A 45 23.35 -3.38 -12.55
CA SER A 45 23.67 -2.06 -13.06
C SER A 45 23.39 -1.97 -14.55
N GLY A 46 24.04 -2.83 -15.33
CA GLY A 46 23.84 -2.83 -16.76
C GLY A 46 23.83 -4.22 -17.36
N GLY A 1 -13.45 -22.14 -12.79
CA GLY A 1 -12.82 -21.66 -11.57
C GLY A 1 -12.94 -22.65 -10.43
N SER A 2 -12.02 -23.59 -10.36
CA SER A 2 -12.03 -24.61 -9.32
C SER A 2 -11.53 -24.02 -8.00
N SER A 3 -10.30 -23.54 -7.99
CA SER A 3 -9.72 -22.95 -6.79
C SER A 3 -10.44 -21.67 -6.39
N GLY A 4 -10.64 -20.78 -7.36
CA GLY A 4 -11.32 -19.53 -7.09
C GLY A 4 -10.48 -18.57 -6.28
N SER A 5 -10.90 -17.31 -6.22
CA SER A 5 -10.18 -16.29 -5.48
C SER A 5 -10.97 -15.83 -4.26
N SER A 6 -10.36 -14.99 -3.45
CA SER A 6 -11.00 -14.48 -2.24
C SER A 6 -11.17 -12.96 -2.31
N GLY A 7 -11.80 -12.39 -1.30
CA GLY A 7 -12.01 -10.96 -1.26
C GLY A 7 -12.83 -10.52 -0.07
N SER A 8 -12.15 -10.03 0.97
CA SER A 8 -12.81 -9.58 2.19
C SER A 8 -11.95 -8.56 2.93
N GLY A 9 -12.59 -7.77 3.78
CA GLY A 9 -11.87 -6.76 4.55
C GLY A 9 -12.47 -5.38 4.40
N GLU A 10 -12.83 -4.77 5.52
CA GLU A 10 -13.42 -3.43 5.51
C GLU A 10 -12.41 -2.40 5.01
N LYS A 11 -11.24 -2.36 5.63
CA LYS A 11 -10.20 -1.43 5.25
C LYS A 11 -10.25 -1.12 3.77
N PRO A 12 -10.95 -0.03 3.41
CA PRO A 12 -11.09 0.40 2.01
C PRO A 12 -9.78 0.91 1.43
N PHE A 13 -8.80 1.13 2.29
CA PHE A 13 -7.50 1.62 1.86
C PHE A 13 -6.61 0.47 1.36
N LYS A 14 -6.35 0.45 0.07
CA LYS A 14 -5.52 -0.58 -0.53
C LYS A 14 -4.47 0.02 -1.46
N CYS A 15 -3.20 -0.26 -1.16
CA CYS A 15 -2.10 0.26 -1.96
C CYS A 15 -2.22 -0.22 -3.41
N LYS A 16 -2.28 0.73 -4.33
CA LYS A 16 -2.38 0.41 -5.75
C LYS A 16 -1.00 0.23 -6.37
N GLU A 17 -0.01 -0.03 -5.53
CA GLU A 17 1.36 -0.23 -5.99
C GLU A 17 1.83 -1.66 -5.72
N CYS A 18 1.55 -2.14 -4.52
CA CYS A 18 1.94 -3.49 -4.14
C CYS A 18 0.71 -4.38 -3.95
N GLY A 19 -0.32 -3.83 -3.31
CA GLY A 19 -1.54 -4.59 -3.09
C GLY A 19 -1.85 -4.75 -1.61
N LYS A 20 -1.24 -3.90 -0.79
CA LYS A 20 -1.46 -3.95 0.66
C LYS A 20 -2.74 -3.21 1.04
N ALA A 21 -3.17 -3.38 2.29
CA ALA A 21 -4.37 -2.73 2.78
C ALA A 21 -4.08 -1.90 4.04
N PHE A 22 -5.01 -1.03 4.39
CA PHE A 22 -4.85 -0.19 5.58
C PHE A 22 -6.21 0.19 6.16
N ARG A 23 -6.33 0.11 7.48
CA ARG A 23 -7.57 0.45 8.16
C ARG A 23 -7.67 1.95 8.41
N GLN A 24 -6.51 2.61 8.48
CA GLN A 24 -6.47 4.05 8.71
C GLN A 24 -5.79 4.76 7.55
N ASN A 25 -6.21 6.00 7.30
CA ASN A 25 -5.65 6.79 6.21
C ASN A 25 -4.17 7.09 6.47
N ILE A 26 -3.82 7.33 7.73
CA ILE A 26 -2.45 7.62 8.10
C ILE A 26 -1.54 6.43 7.81
N HIS A 27 -2.11 5.23 7.83
CA HIS A 27 -1.35 4.01 7.57
C HIS A 27 -0.93 3.95 6.10
N LEU A 28 -1.91 4.03 5.21
CA LEU A 28 -1.64 3.97 3.77
C LEU A 28 -0.64 5.06 3.36
N ALA A 29 -0.98 6.31 3.65
CA ALA A 29 -0.12 7.42 3.32
C ALA A 29 1.29 7.21 3.86
N SER A 30 1.38 6.65 5.06
CA SER A 30 2.66 6.40 5.70
C SER A 30 3.40 5.25 5.01
N HIS A 31 2.64 4.44 4.29
CA HIS A 31 3.22 3.29 3.58
C HIS A 31 3.66 3.69 2.18
N LEU A 32 2.75 4.26 1.41
CA LEU A 32 3.05 4.70 0.05
C LEU A 32 4.47 5.26 -0.05
N ARG A 33 4.93 5.88 1.04
CA ARG A 33 6.27 6.45 1.08
C ARG A 33 7.32 5.40 0.74
N ILE A 34 7.22 4.24 1.38
CA ILE A 34 8.16 3.15 1.15
C ILE A 34 8.39 2.93 -0.34
N HIS A 35 7.37 3.24 -1.14
CA HIS A 35 7.45 3.07 -2.58
C HIS A 35 8.17 4.25 -3.23
N THR A 36 8.01 5.43 -2.64
CA THR A 36 8.64 6.64 -3.15
C THR A 36 9.60 7.24 -2.13
N GLY A 37 10.40 6.37 -1.51
CA GLY A 37 11.36 6.83 -0.52
C GLY A 37 12.21 7.98 -1.02
N GLU A 38 13.22 7.67 -1.82
CA GLU A 38 14.11 8.69 -2.36
C GLU A 38 13.37 9.60 -3.33
N LYS A 39 13.97 10.74 -3.64
CA LYS A 39 13.36 11.70 -4.57
C LYS A 39 14.43 12.52 -5.26
N PRO A 40 14.18 12.87 -6.54
CA PRO A 40 15.10 13.66 -7.35
C PRO A 40 15.20 15.11 -6.87
N SER A 41 14.28 15.50 -5.99
CA SER A 41 14.26 16.85 -5.45
C SER A 41 15.59 17.19 -4.77
N GLY A 42 15.93 16.40 -3.75
CA GLY A 42 17.16 16.64 -3.02
C GLY A 42 18.02 15.39 -2.93
N PRO A 43 19.25 15.56 -2.43
CA PRO A 43 20.21 14.46 -2.29
C PRO A 43 19.79 13.48 -1.20
N SER A 44 20.09 12.20 -1.40
CA SER A 44 19.74 11.15 -0.44
C SER A 44 20.34 9.81 -0.85
N SER A 45 21.12 9.23 0.05
CA SER A 45 21.77 7.94 -0.21
C SER A 45 20.89 6.79 0.25
N GLY A 46 21.28 5.57 -0.09
CA GLY A 46 20.52 4.40 0.29
C GLY A 46 21.37 3.36 0.99
N GLY A 1 -12.58 -19.26 -12.98
CA GLY A 1 -11.88 -19.63 -11.77
C GLY A 1 -11.82 -18.50 -10.76
N SER A 2 -12.85 -18.40 -9.92
CA SER A 2 -12.91 -17.35 -8.91
C SER A 2 -11.65 -17.34 -8.06
N SER A 3 -11.43 -16.24 -7.35
CA SER A 3 -10.26 -16.10 -6.49
C SER A 3 -10.52 -16.70 -5.11
N GLY A 4 -9.48 -17.27 -4.52
CA GLY A 4 -9.62 -17.87 -3.20
C GLY A 4 -9.00 -17.01 -2.11
N SER A 5 -9.20 -15.70 -2.20
CA SER A 5 -8.65 -14.78 -1.22
C SER A 5 -9.76 -14.15 -0.39
N SER A 6 -10.18 -14.85 0.67
CA SER A 6 -11.24 -14.36 1.53
C SER A 6 -10.83 -14.48 3.00
N GLY A 7 -11.12 -13.44 3.78
CA GLY A 7 -10.78 -13.44 5.18
C GLY A 7 -10.37 -12.06 5.69
N SER A 8 -9.08 -11.78 5.66
CA SER A 8 -8.57 -10.49 6.12
C SER A 8 -8.09 -9.64 4.94
N GLY A 9 -9.05 -9.03 4.24
CA GLY A 9 -8.71 -8.20 3.10
C GLY A 9 -9.86 -7.30 2.69
N GLU A 10 -10.56 -6.75 3.68
CA GLU A 10 -11.69 -5.86 3.41
C GLU A 10 -11.42 -4.46 3.96
N LYS A 11 -10.25 -3.93 3.64
CA LYS A 11 -9.86 -2.60 4.09
C LYS A 11 -10.23 -1.54 3.05
N PRO A 12 -10.67 -0.37 3.53
CA PRO A 12 -11.05 0.75 2.67
C PRO A 12 -9.86 1.37 1.96
N PHE A 13 -8.68 1.24 2.56
CA PHE A 13 -7.46 1.80 1.98
C PHE A 13 -6.57 0.69 1.44
N LYS A 14 -6.24 0.77 0.16
CA LYS A 14 -5.38 -0.23 -0.48
C LYS A 14 -4.24 0.44 -1.24
N CYS A 15 -3.07 -0.19 -1.23
CA CYS A 15 -1.91 0.33 -1.91
C CYS A 15 -2.00 0.10 -3.42
N LYS A 16 -1.74 1.14 -4.20
CA LYS A 16 -1.79 1.04 -5.65
C LYS A 16 -0.42 0.67 -6.23
N GLU A 17 0.43 0.10 -5.39
CA GLU A 17 1.77 -0.29 -5.81
C GLU A 17 1.97 -1.80 -5.65
N CYS A 18 1.57 -2.32 -4.49
CA CYS A 18 1.71 -3.74 -4.22
C CYS A 18 0.35 -4.37 -3.94
N GLY A 19 -0.44 -3.73 -3.08
CA GLY A 19 -1.76 -4.24 -2.75
C GLY A 19 -1.99 -4.32 -1.24
N LYS A 20 -1.10 -3.69 -0.48
CA LYS A 20 -1.22 -3.69 0.98
C LYS A 20 -2.47 -2.95 1.42
N ALA A 21 -3.24 -3.58 2.31
CA ALA A 21 -4.46 -2.96 2.82
C ALA A 21 -4.20 -2.24 4.14
N PHE A 22 -5.01 -1.23 4.42
CA PHE A 22 -4.87 -0.46 5.65
C PHE A 22 -6.24 -0.11 6.23
N ARG A 23 -6.29 0.02 7.55
CA ARG A 23 -7.53 0.35 8.24
C ARG A 23 -7.73 1.86 8.33
N GLN A 24 -6.62 2.59 8.43
CA GLN A 24 -6.68 4.04 8.51
C GLN A 24 -5.99 4.69 7.31
N ASN A 25 -6.41 5.90 6.98
CA ASN A 25 -5.83 6.62 5.85
C ASN A 25 -4.35 6.91 6.09
N ILE A 26 -4.01 7.21 7.34
CA ILE A 26 -2.63 7.51 7.70
C ILE A 26 -1.72 6.31 7.44
N HIS A 27 -2.21 5.12 7.76
CA HIS A 27 -1.45 3.89 7.56
C HIS A 27 -1.06 3.75 6.09
N LEU A 28 -2.01 3.96 5.19
CA LEU A 28 -1.77 3.85 3.77
C LEU A 28 -0.78 4.92 3.29
N ALA A 29 -1.10 6.17 3.60
CA ALA A 29 -0.24 7.29 3.21
C ALA A 29 1.18 7.08 3.69
N SER A 30 1.32 6.59 4.93
CA SER A 30 2.63 6.36 5.52
C SER A 30 3.33 5.19 4.82
N HIS A 31 2.54 4.31 4.21
CA HIS A 31 3.10 3.15 3.52
C HIS A 31 3.62 3.55 2.14
N LEU A 32 2.80 4.27 1.39
CA LEU A 32 3.19 4.71 0.06
C LEU A 32 4.62 5.25 0.04
N ARG A 33 5.09 5.65 1.22
CA ARG A 33 6.45 6.18 1.35
C ARG A 33 7.47 5.23 0.74
N ILE A 34 7.45 3.98 1.20
CA ILE A 34 8.37 2.97 0.70
C ILE A 34 8.28 2.84 -0.81
N HIS A 35 7.18 3.32 -1.38
CA HIS A 35 6.97 3.26 -2.81
C HIS A 35 7.41 4.56 -3.49
N THR A 36 7.29 5.67 -2.75
CA THR A 36 7.66 6.98 -3.27
C THR A 36 8.60 7.70 -2.31
N GLY A 37 9.84 7.21 -2.21
CA GLY A 37 10.81 7.82 -1.33
C GLY A 37 12.24 7.61 -1.79
N GLU A 38 12.50 6.42 -2.36
CA GLU A 38 13.83 6.09 -2.84
C GLU A 38 14.11 6.78 -4.17
N LYS A 39 13.91 8.10 -4.20
CA LYS A 39 14.15 8.88 -5.40
C LYS A 39 15.42 9.72 -5.28
N PRO A 40 16.25 9.69 -6.32
CA PRO A 40 17.51 10.44 -6.34
C PRO A 40 17.29 11.95 -6.43
N SER A 41 17.26 12.60 -5.27
CA SER A 41 17.05 14.04 -5.21
C SER A 41 18.34 14.76 -4.81
N GLY A 42 18.83 14.46 -3.62
CA GLY A 42 20.05 15.08 -3.13
C GLY A 42 19.89 15.67 -1.74
N PRO A 43 19.58 16.98 -1.68
CA PRO A 43 19.40 17.68 -0.41
C PRO A 43 18.12 17.26 0.32
N SER A 44 17.89 17.83 1.49
CA SER A 44 16.72 17.51 2.28
C SER A 44 15.57 18.47 1.98
N SER A 45 15.39 18.78 0.71
CA SER A 45 14.33 19.69 0.28
C SER A 45 13.32 18.97 -0.60
N GLY A 46 12.96 17.75 -0.21
CA GLY A 46 12.00 16.98 -0.98
C GLY A 46 10.92 17.84 -1.59
N GLY A 1 -17.23 -23.29 -10.93
CA GLY A 1 -16.03 -22.50 -11.02
C GLY A 1 -15.00 -22.88 -9.98
N SER A 2 -13.76 -23.08 -10.40
CA SER A 2 -12.69 -23.46 -9.49
C SER A 2 -12.08 -22.22 -8.83
N SER A 3 -12.94 -21.29 -8.43
CA SER A 3 -12.48 -20.06 -7.79
C SER A 3 -13.50 -19.58 -6.75
N GLY A 4 -13.06 -19.54 -5.50
CA GLY A 4 -13.95 -19.10 -4.43
C GLY A 4 -13.18 -18.54 -3.24
N SER A 5 -13.08 -17.21 -3.19
CA SER A 5 -12.37 -16.54 -2.11
C SER A 5 -13.28 -15.55 -1.38
N SER A 6 -14.09 -16.07 -0.47
CA SER A 6 -15.01 -15.24 0.28
C SER A 6 -14.64 -15.23 1.76
N GLY A 7 -13.76 -14.31 2.14
CA GLY A 7 -13.33 -14.20 3.52
C GLY A 7 -13.86 -12.95 4.20
N SER A 8 -12.97 -12.01 4.48
CA SER A 8 -13.36 -10.77 5.14
C SER A 8 -12.18 -9.80 5.22
N GLY A 9 -12.46 -8.57 5.63
CA GLY A 9 -11.42 -7.57 5.74
C GLY A 9 -11.97 -6.15 5.76
N GLU A 10 -11.76 -5.46 6.87
CA GLU A 10 -12.24 -4.09 7.02
C GLU A 10 -11.14 -3.08 6.67
N LYS A 11 -10.58 -3.24 5.47
CA LYS A 11 -9.52 -2.34 5.00
C LYS A 11 -9.96 -1.59 3.75
N PRO A 12 -10.56 -0.40 3.95
CA PRO A 12 -11.03 0.44 2.84
C PRO A 12 -9.89 1.05 2.05
N PHE A 13 -8.71 1.09 2.66
CA PHE A 13 -7.53 1.66 2.01
C PHE A 13 -6.63 0.55 1.48
N LYS A 14 -6.27 0.65 0.20
CA LYS A 14 -5.41 -0.35 -0.44
C LYS A 14 -4.29 0.33 -1.23
N CYS A 15 -3.10 -0.23 -1.15
CA CYS A 15 -1.95 0.32 -1.86
C CYS A 15 -2.05 0.05 -3.36
N LYS A 16 -2.02 1.12 -4.15
CA LYS A 16 -2.11 1.00 -5.60
C LYS A 16 -0.74 0.71 -6.21
N GLU A 17 0.17 0.20 -5.39
CA GLU A 17 1.51 -0.12 -5.86
C GLU A 17 1.81 -1.61 -5.70
N CYS A 18 1.53 -2.14 -4.51
CA CYS A 18 1.76 -3.56 -4.23
C CYS A 18 0.44 -4.29 -4.01
N GLY A 19 -0.46 -3.66 -3.25
CA GLY A 19 -1.74 -4.27 -2.99
C GLY A 19 -1.98 -4.46 -1.50
N LYS A 20 -1.24 -3.72 -0.68
CA LYS A 20 -1.38 -3.82 0.77
C LYS A 20 -2.73 -3.30 1.23
N ALA A 21 -3.16 -3.73 2.40
CA ALA A 21 -4.44 -3.30 2.95
C ALA A 21 -4.25 -2.59 4.28
N PHE A 22 -4.98 -1.49 4.47
CA PHE A 22 -4.89 -0.71 5.70
C PHE A 22 -6.28 -0.40 6.25
N ARG A 23 -6.33 0.12 7.47
CA ARG A 23 -7.59 0.45 8.12
C ARG A 23 -7.85 1.95 8.04
N GLN A 24 -6.80 2.74 8.21
CA GLN A 24 -6.92 4.19 8.18
C GLN A 24 -6.06 4.78 7.05
N ASN A 25 -6.34 6.02 6.69
CA ASN A 25 -5.59 6.69 5.63
C ASN A 25 -4.16 6.98 6.07
N ILE A 26 -3.99 7.26 7.36
CA ILE A 26 -2.67 7.56 7.90
C ILE A 26 -1.69 6.42 7.63
N HIS A 27 -2.19 5.19 7.65
CA HIS A 27 -1.37 4.02 7.40
C HIS A 27 -0.94 3.97 5.94
N LEU A 28 -1.90 4.13 5.04
CA LEU A 28 -1.61 4.11 3.61
C LEU A 28 -0.58 5.17 3.23
N ALA A 29 -0.87 6.41 3.59
CA ALA A 29 0.04 7.52 3.31
C ALA A 29 1.42 7.26 3.90
N SER A 30 1.45 6.59 5.05
CA SER A 30 2.71 6.29 5.72
C SER A 30 3.41 5.11 5.06
N HIS A 31 2.67 4.37 4.24
CA HIS A 31 3.21 3.21 3.55
C HIS A 31 3.70 3.59 2.15
N LEU A 32 2.84 4.23 1.38
CA LEU A 32 3.17 4.66 0.02
C LEU A 32 4.56 5.28 -0.01
N ARG A 33 5.03 5.75 1.13
CA ARG A 33 6.35 6.37 1.23
C ARG A 33 7.44 5.41 0.78
N ILE A 34 7.43 4.21 1.33
CA ILE A 34 8.42 3.19 0.97
C ILE A 34 8.38 2.88 -0.51
N HIS A 35 7.25 3.19 -1.15
CA HIS A 35 7.09 2.95 -2.57
C HIS A 35 7.75 4.05 -3.40
N THR A 36 7.71 5.27 -2.87
CA THR A 36 8.30 6.41 -3.57
C THR A 36 9.73 6.66 -3.08
N GLY A 37 10.11 5.97 -2.01
CA GLY A 37 11.46 6.12 -1.48
C GLY A 37 11.92 4.90 -0.71
N GLU A 38 12.91 4.20 -1.28
CA GLU A 38 13.45 3.00 -0.65
C GLU A 38 14.88 3.22 -0.19
N LYS A 39 15.19 2.75 1.01
CA LYS A 39 16.53 2.90 1.57
C LYS A 39 16.79 1.86 2.65
N PRO A 40 17.99 1.26 2.63
CA PRO A 40 18.39 0.24 3.62
C PRO A 40 18.59 0.83 5.00
N SER A 41 17.52 0.84 5.79
CA SER A 41 17.59 1.37 7.15
C SER A 41 16.27 1.13 7.90
N GLY A 42 16.37 0.61 9.11
CA GLY A 42 15.18 0.34 9.90
C GLY A 42 14.62 -1.05 9.67
N PRO A 43 13.63 -1.44 10.48
CA PRO A 43 13.00 -2.76 10.37
C PRO A 43 12.16 -2.90 9.10
N SER A 44 12.43 -3.95 8.33
CA SER A 44 11.70 -4.19 7.08
C SER A 44 11.65 -5.68 6.77
N SER A 45 10.45 -6.26 6.88
CA SER A 45 10.26 -7.68 6.61
C SER A 45 8.79 -8.00 6.37
N GLY A 46 8.53 -9.16 5.77
CA GLY A 46 7.17 -9.56 5.48
C GLY A 46 6.75 -10.78 6.27
N GLY A 1 -8.50 -2.51 -15.01
CA GLY A 1 -8.10 -3.89 -14.90
C GLY A 1 -7.30 -4.18 -13.65
N SER A 2 -7.66 -5.25 -12.95
CA SER A 2 -6.96 -5.62 -11.72
C SER A 2 -6.35 -7.02 -11.85
N SER A 3 -5.11 -7.15 -11.39
CA SER A 3 -4.40 -8.43 -11.46
C SER A 3 -3.74 -8.76 -10.13
N GLY A 4 -4.46 -8.49 -9.03
CA GLY A 4 -3.92 -8.77 -7.71
C GLY A 4 -4.28 -10.15 -7.22
N SER A 5 -5.54 -10.54 -7.42
CA SER A 5 -6.02 -11.84 -6.97
C SER A 5 -5.46 -12.19 -5.59
N SER A 6 -5.44 -11.20 -4.71
CA SER A 6 -4.93 -11.39 -3.35
C SER A 6 -5.84 -12.32 -2.56
N GLY A 7 -7.13 -11.97 -2.50
CA GLY A 7 -8.09 -12.78 -1.77
C GLY A 7 -9.02 -11.94 -0.91
N SER A 8 -8.45 -11.01 -0.16
CA SER A 8 -9.23 -10.15 0.71
C SER A 8 -9.73 -8.92 -0.05
N GLY A 9 -10.71 -8.23 0.54
CA GLY A 9 -11.27 -7.05 -0.10
C GLY A 9 -12.27 -6.34 0.78
N GLU A 10 -11.81 -5.84 1.92
CA GLU A 10 -12.68 -5.13 2.85
C GLU A 10 -12.08 -3.78 3.25
N LYS A 11 -10.77 -3.78 3.53
CA LYS A 11 -10.08 -2.56 3.93
C LYS A 11 -10.37 -1.43 2.95
N PRO A 12 -10.60 -0.23 3.49
CA PRO A 12 -10.89 0.96 2.68
C PRO A 12 -9.68 1.44 1.89
N PHE A 13 -8.51 1.44 2.54
CA PHE A 13 -7.28 1.87 1.90
C PHE A 13 -6.53 0.68 1.29
N LYS A 14 -6.11 0.83 0.04
CA LYS A 14 -5.38 -0.22 -0.65
C LYS A 14 -4.26 0.36 -1.51
N CYS A 15 -3.10 -0.28 -1.45
CA CYS A 15 -1.93 0.16 -2.21
C CYS A 15 -1.97 -0.37 -3.63
N LYS A 16 -2.24 0.52 -4.59
CA LYS A 16 -2.31 0.14 -5.99
C LYS A 16 -0.94 -0.30 -6.51
N GLU A 17 0.10 -0.02 -5.73
CA GLU A 17 1.45 -0.38 -6.10
C GLU A 17 1.72 -1.86 -5.81
N CYS A 18 1.69 -2.21 -4.54
CA CYS A 18 1.93 -3.60 -4.13
C CYS A 18 0.61 -4.35 -3.93
N GLY A 19 -0.34 -3.69 -3.26
CA GLY A 19 -1.63 -4.31 -3.02
C GLY A 19 -1.91 -4.51 -1.54
N LYS A 20 -1.21 -3.75 -0.70
CA LYS A 20 -1.39 -3.85 0.74
C LYS A 20 -2.71 -3.22 1.17
N ALA A 21 -3.25 -3.70 2.29
CA ALA A 21 -4.51 -3.18 2.82
C ALA A 21 -4.31 -2.53 4.18
N PHE A 22 -5.04 -1.45 4.44
CA PHE A 22 -4.94 -0.74 5.71
C PHE A 22 -6.33 -0.44 6.27
N ARG A 23 -6.35 0.22 7.42
CA ARG A 23 -7.62 0.57 8.07
C ARG A 23 -7.73 2.08 8.27
N GLN A 24 -6.59 2.74 8.37
CA GLN A 24 -6.56 4.19 8.56
C GLN A 24 -5.81 4.87 7.42
N ASN A 25 -6.25 6.07 7.06
CA ASN A 25 -5.62 6.83 5.99
C ASN A 25 -4.15 7.10 6.31
N ILE A 26 -3.85 7.25 7.59
CA ILE A 26 -2.48 7.51 8.03
C ILE A 26 -1.59 6.30 7.77
N HIS A 27 -2.17 5.12 7.77
CA HIS A 27 -1.44 3.89 7.54
C HIS A 27 -1.00 3.79 6.08
N LEU A 28 -1.92 4.04 5.17
CA LEU A 28 -1.64 3.98 3.74
C LEU A 28 -0.67 5.08 3.33
N ALA A 29 -0.95 6.30 3.77
CA ALA A 29 -0.11 7.45 3.46
C ALA A 29 1.31 7.25 3.99
N SER A 30 1.42 6.63 5.17
CA SER A 30 2.71 6.38 5.79
C SER A 30 3.41 5.20 5.12
N HIS A 31 2.65 4.42 4.37
CA HIS A 31 3.20 3.25 3.68
C HIS A 31 3.66 3.64 2.27
N LEU A 32 2.77 4.26 1.51
CA LEU A 32 3.11 4.68 0.15
C LEU A 32 4.49 5.31 0.09
N ARG A 33 4.91 5.89 1.21
CA ARG A 33 6.21 6.54 1.28
C ARG A 33 7.32 5.57 0.89
N ILE A 34 7.21 4.33 1.33
CA ILE A 34 8.21 3.31 1.02
C ILE A 34 8.22 2.98 -0.47
N HIS A 35 7.19 3.44 -1.17
CA HIS A 35 7.06 3.20 -2.60
C HIS A 35 7.48 4.43 -3.40
N THR A 36 7.33 5.59 -2.79
CA THR A 36 7.69 6.86 -3.45
C THR A 36 9.14 7.22 -3.18
N GLY A 37 10.02 6.23 -3.29
CA GLY A 37 11.44 6.47 -3.05
C GLY A 37 12.29 5.28 -3.44
N GLU A 38 11.86 4.54 -4.44
CA GLU A 38 12.60 3.37 -4.90
C GLU A 38 13.37 3.67 -6.18
N LYS A 39 13.40 4.95 -6.55
CA LYS A 39 14.11 5.39 -7.76
C LYS A 39 15.44 6.06 -7.40
N PRO A 40 16.43 5.88 -8.27
CA PRO A 40 17.77 6.47 -8.06
C PRO A 40 17.77 7.98 -8.21
N SER A 41 16.78 8.51 -8.94
CA SER A 41 16.67 9.94 -9.15
C SER A 41 15.34 10.28 -9.82
N GLY A 42 14.98 11.56 -9.79
CA GLY A 42 13.73 12.00 -10.40
C GLY A 42 13.67 13.50 -10.56
N PRO A 43 12.46 14.03 -10.75
CA PRO A 43 12.23 15.47 -10.94
C PRO A 43 12.49 16.26 -9.65
N SER A 44 13.15 17.40 -9.79
CA SER A 44 13.46 18.25 -8.65
C SER A 44 12.27 18.32 -7.69
N SER A 45 12.51 17.96 -6.44
CA SER A 45 11.46 17.99 -5.42
C SER A 45 11.38 19.35 -4.76
N GLY A 46 10.34 19.55 -3.95
CA GLY A 46 10.16 20.83 -3.27
C GLY A 46 11.41 21.28 -2.55
N GLY A 1 13.47 -14.32 -0.18
CA GLY A 1 12.54 -15.00 -1.08
C GLY A 1 11.26 -15.41 -0.38
N SER A 2 10.29 -14.51 -0.33
CA SER A 2 9.02 -14.78 0.33
C SER A 2 8.12 -15.63 -0.57
N SER A 3 7.23 -16.40 0.05
CA SER A 3 6.32 -17.26 -0.70
C SER A 3 4.98 -17.39 0.03
N GLY A 4 4.03 -18.03 -0.62
CA GLY A 4 2.71 -18.21 -0.02
C GLY A 4 1.61 -17.56 -0.83
N SER A 5 0.36 -17.78 -0.43
CA SER A 5 -0.78 -17.21 -1.12
C SER A 5 -1.85 -16.74 -0.13
N SER A 6 -2.05 -15.44 -0.08
CA SER A 6 -3.04 -14.85 0.83
C SER A 6 -4.27 -14.38 0.07
N GLY A 7 -5.39 -14.27 0.78
CA GLY A 7 -6.63 -13.84 0.15
C GLY A 7 -6.53 -12.42 -0.39
N SER A 8 -7.37 -11.54 0.15
CA SER A 8 -7.38 -10.14 -0.29
C SER A 8 -7.30 -9.20 0.91
N GLY A 9 -8.09 -9.49 1.94
CA GLY A 9 -8.09 -8.66 3.13
C GLY A 9 -9.29 -7.73 3.19
N GLU A 10 -9.81 -7.53 4.40
CA GLU A 10 -10.97 -6.67 4.59
C GLU A 10 -10.55 -5.29 5.10
N LYS A 11 -10.17 -4.41 4.18
CA LYS A 11 -9.74 -3.06 4.53
C LYS A 11 -10.16 -2.05 3.45
N PRO A 12 -10.55 -0.85 3.90
CA PRO A 12 -10.98 0.21 2.99
C PRO A 12 -9.83 0.78 2.17
N PHE A 13 -8.70 1.03 2.84
CA PHE A 13 -7.52 1.57 2.17
C PHE A 13 -6.74 0.46 1.47
N LYS A 14 -6.41 0.70 0.21
CA LYS A 14 -5.66 -0.28 -0.57
C LYS A 14 -4.52 0.40 -1.34
N CYS A 15 -3.35 -0.24 -1.35
CA CYS A 15 -2.20 0.31 -2.05
C CYS A 15 -2.27 0.00 -3.55
N LYS A 16 -1.99 1.01 -4.36
CA LYS A 16 -2.02 0.85 -5.82
C LYS A 16 -0.63 0.59 -6.36
N GLU A 17 0.31 0.25 -5.47
CA GLU A 17 1.69 -0.02 -5.87
C GLU A 17 1.99 -1.51 -5.76
N CYS A 18 1.64 -2.10 -4.62
CA CYS A 18 1.88 -3.52 -4.38
C CYS A 18 0.57 -4.25 -4.10
N GLY A 19 -0.27 -3.65 -3.27
CA GLY A 19 -1.54 -4.26 -2.93
C GLY A 19 -1.80 -4.29 -1.44
N LYS A 20 -0.97 -3.57 -0.69
CA LYS A 20 -1.11 -3.52 0.76
C LYS A 20 -2.50 -3.05 1.16
N ALA A 21 -2.87 -3.30 2.41
CA ALA A 21 -4.18 -2.89 2.92
C ALA A 21 -4.05 -2.20 4.27
N PHE A 22 -5.00 -1.31 4.56
CA PHE A 22 -4.99 -0.58 5.82
C PHE A 22 -6.40 -0.11 6.18
N ARG A 23 -6.58 0.29 7.45
CA ARG A 23 -7.87 0.76 7.91
C ARG A 23 -7.89 2.28 8.02
N GLN A 24 -6.78 2.85 8.48
CA GLN A 24 -6.67 4.30 8.64
C GLN A 24 -6.03 4.93 7.40
N ASN A 25 -6.23 6.23 7.25
CA ASN A 25 -5.67 6.96 6.11
C ASN A 25 -4.16 7.14 6.26
N ILE A 26 -3.74 7.47 7.48
CA ILE A 26 -2.32 7.67 7.76
C ILE A 26 -1.52 6.40 7.50
N HIS A 27 -2.14 5.25 7.76
CA HIS A 27 -1.49 3.97 7.55
C HIS A 27 -1.13 3.77 6.08
N LEU A 28 -2.12 3.96 5.21
CA LEU A 28 -1.92 3.80 3.77
C LEU A 28 -0.91 4.83 3.25
N ALA A 29 -1.21 6.11 3.47
CA ALA A 29 -0.33 7.18 3.03
C ALA A 29 1.08 6.99 3.57
N SER A 30 1.19 6.39 4.75
CA SER A 30 2.48 6.16 5.38
C SER A 30 3.21 5.01 4.69
N HIS A 31 2.46 4.09 4.09
CA HIS A 31 3.03 2.95 3.40
C HIS A 31 3.61 3.37 2.05
N LEU A 32 2.83 4.12 1.29
CA LEU A 32 3.27 4.59 -0.03
C LEU A 32 4.65 5.23 0.05
N ARG A 33 5.06 5.59 1.26
CA ARG A 33 6.36 6.22 1.47
C ARG A 33 7.48 5.33 0.96
N ILE A 34 7.51 4.08 1.42
CA ILE A 34 8.52 3.13 1.01
C ILE A 34 8.55 2.99 -0.52
N HIS A 35 7.38 3.09 -1.14
CA HIS A 35 7.28 2.98 -2.59
C HIS A 35 7.95 4.16 -3.28
N THR A 36 7.97 5.30 -2.60
CA THR A 36 8.58 6.50 -3.14
C THR A 36 9.83 6.90 -2.36
N GLY A 37 10.79 5.97 -2.29
CA GLY A 37 12.02 6.24 -1.57
C GLY A 37 12.85 7.32 -2.21
N GLU A 38 14.13 7.05 -2.43
CA GLU A 38 15.03 8.02 -3.04
C GLU A 38 15.20 7.73 -4.52
N LYS A 39 14.37 6.85 -5.05
CA LYS A 39 14.42 6.49 -6.46
C LYS A 39 13.24 7.08 -7.23
N PRO A 40 13.30 8.40 -7.46
CA PRO A 40 12.24 9.12 -8.18
C PRO A 40 12.20 8.76 -9.66
N SER A 41 13.26 8.13 -10.14
CA SER A 41 13.36 7.73 -11.54
C SER A 41 11.99 7.29 -12.07
N GLY A 42 11.62 7.82 -13.23
CA GLY A 42 10.34 7.46 -13.83
C GLY A 42 10.30 7.74 -15.33
N PRO A 43 10.78 6.76 -16.12
CA PRO A 43 10.81 6.89 -17.58
C PRO A 43 9.41 6.83 -18.19
N SER A 44 8.41 6.62 -17.34
CA SER A 44 7.03 6.54 -17.80
C SER A 44 6.06 6.93 -16.69
N SER A 45 5.49 8.13 -16.80
CA SER A 45 4.54 8.62 -15.80
C SER A 45 3.12 8.15 -16.11
N GLY A 46 2.65 8.48 -17.31
CA GLY A 46 1.31 8.08 -17.71
C GLY A 46 0.80 8.88 -18.88
N GLY A 1 -4.93 -12.44 -13.54
CA GLY A 1 -5.85 -13.35 -14.18
C GLY A 1 -7.02 -13.72 -13.28
N SER A 2 -7.57 -12.72 -12.60
CA SER A 2 -8.69 -12.95 -11.69
C SER A 2 -10.00 -12.50 -12.33
N SER A 3 -11.03 -13.32 -12.21
CA SER A 3 -12.34 -13.01 -12.77
C SER A 3 -13.43 -13.85 -12.12
N GLY A 4 -14.51 -13.19 -11.73
CA GLY A 4 -15.62 -13.90 -11.09
C GLY A 4 -15.54 -13.85 -9.57
N SER A 5 -14.78 -14.77 -9.00
CA SER A 5 -14.63 -14.83 -7.54
C SER A 5 -13.39 -14.05 -7.10
N SER A 6 -13.54 -13.27 -6.03
CA SER A 6 -12.45 -12.47 -5.51
C SER A 6 -12.18 -12.82 -4.04
N GLY A 7 -10.90 -13.00 -3.71
CA GLY A 7 -10.54 -13.33 -2.35
C GLY A 7 -10.29 -12.10 -1.49
N SER A 8 -9.01 -11.78 -1.28
CA SER A 8 -8.63 -10.64 -0.47
C SER A 8 -9.35 -9.38 -0.96
N GLY A 9 -9.29 -8.32 -0.15
CA GLY A 9 -9.94 -7.07 -0.52
C GLY A 9 -11.03 -6.68 0.46
N GLU A 10 -10.71 -6.71 1.76
CA GLU A 10 -11.66 -6.35 2.80
C GLU A 10 -11.47 -4.91 3.24
N LYS A 11 -10.25 -4.58 3.66
CA LYS A 11 -9.93 -3.24 4.12
C LYS A 11 -10.30 -2.20 3.06
N PRO A 12 -10.69 -1.00 3.52
CA PRO A 12 -11.08 0.10 2.63
C PRO A 12 -9.90 0.66 1.86
N PHE A 13 -8.82 0.95 2.56
CA PHE A 13 -7.61 1.49 1.94
C PHE A 13 -6.72 0.38 1.41
N LYS A 14 -6.38 0.47 0.13
CA LYS A 14 -5.53 -0.53 -0.51
C LYS A 14 -4.48 0.14 -1.39
N CYS A 15 -3.22 -0.25 -1.20
CA CYS A 15 -2.12 0.31 -1.97
C CYS A 15 -2.24 -0.09 -3.44
N LYS A 16 -2.24 0.91 -4.33
CA LYS A 16 -2.33 0.66 -5.76
C LYS A 16 -0.95 0.50 -6.38
N GLU A 17 0.02 0.14 -5.56
CA GLU A 17 1.39 -0.04 -6.03
C GLU A 17 1.88 -1.46 -5.78
N CYS A 18 1.54 -1.99 -4.61
CA CYS A 18 1.94 -3.35 -4.24
C CYS A 18 0.71 -4.23 -4.03
N GLY A 19 -0.26 -3.72 -3.28
CA GLY A 19 -1.48 -4.47 -3.02
C GLY A 19 -1.73 -4.66 -1.54
N LYS A 20 -1.16 -3.78 -0.73
CA LYS A 20 -1.33 -3.84 0.72
C LYS A 20 -2.64 -3.20 1.15
N ALA A 21 -3.06 -3.48 2.37
CA ALA A 21 -4.29 -2.91 2.91
C ALA A 21 -4.03 -2.07 4.15
N PHE A 22 -5.02 -1.29 4.55
CA PHE A 22 -4.88 -0.44 5.73
C PHE A 22 -6.25 -0.15 6.35
N ARG A 23 -6.24 0.45 7.54
CA ARG A 23 -7.47 0.78 8.25
C ARG A 23 -7.79 2.27 8.13
N GLN A 24 -6.74 3.09 8.21
CA GLN A 24 -6.90 4.53 8.12
C GLN A 24 -5.94 5.13 7.10
N ASN A 25 -6.24 6.35 6.66
CA ASN A 25 -5.40 7.03 5.67
C ASN A 25 -3.96 7.12 6.15
N ILE A 26 -3.78 7.47 7.43
CA ILE A 26 -2.46 7.59 8.02
C ILE A 26 -1.58 6.39 7.66
N HIS A 27 -2.14 5.19 7.81
CA HIS A 27 -1.42 3.96 7.50
C HIS A 27 -0.97 3.95 6.03
N LEU A 28 -1.95 4.00 5.13
CA LEU A 28 -1.66 4.00 3.70
C LEU A 28 -0.61 5.04 3.35
N ALA A 29 -0.87 6.29 3.75
CA ALA A 29 0.05 7.38 3.49
C ALA A 29 1.42 7.11 4.10
N SER A 30 1.44 6.35 5.19
CA SER A 30 2.68 6.01 5.88
C SER A 30 3.40 4.86 5.19
N HIS A 31 2.66 4.14 4.34
CA HIS A 31 3.22 3.00 3.62
C HIS A 31 3.68 3.43 2.22
N LEU A 32 2.86 4.24 1.57
CA LEU A 32 3.18 4.72 0.22
C LEU A 32 4.60 5.27 0.16
N ARG A 33 5.05 5.84 1.27
CA ARG A 33 6.40 6.41 1.34
C ARG A 33 7.45 5.37 0.96
N ILE A 34 7.15 4.11 1.26
CA ILE A 34 8.07 3.01 0.95
C ILE A 34 8.12 2.75 -0.55
N HIS A 35 7.19 3.34 -1.28
CA HIS A 35 7.13 3.17 -2.73
C HIS A 35 7.65 4.42 -3.44
N THR A 36 7.58 5.55 -2.76
CA THR A 36 8.03 6.81 -3.32
C THR A 36 9.47 7.11 -2.92
N GLY A 37 10.33 6.10 -3.03
CA GLY A 37 11.73 6.27 -2.68
C GLY A 37 12.54 6.84 -3.81
N GLU A 38 13.05 5.97 -4.68
CA GLU A 38 13.86 6.40 -5.81
C GLU A 38 13.32 7.70 -6.40
N LYS A 39 14.18 8.70 -6.49
CA LYS A 39 13.79 10.00 -7.04
C LYS A 39 13.34 9.86 -8.50
N PRO A 40 12.33 10.65 -8.89
CA PRO A 40 11.79 10.63 -10.25
C PRO A 40 12.76 11.21 -11.27
N SER A 41 12.78 10.64 -12.46
CA SER A 41 13.66 11.09 -13.52
C SER A 41 13.32 12.53 -13.93
N GLY A 42 14.35 13.29 -14.31
CA GLY A 42 14.15 14.66 -14.72
C GLY A 42 14.12 15.62 -13.55
N PRO A 43 14.82 16.75 -13.69
CA PRO A 43 14.89 17.76 -12.64
C PRO A 43 13.56 18.49 -12.44
N SER A 44 13.49 19.33 -11.41
CA SER A 44 12.28 20.08 -11.12
C SER A 44 12.29 21.42 -11.85
N SER A 45 12.53 21.38 -13.15
CA SER A 45 12.57 22.59 -13.97
C SER A 45 11.23 22.81 -14.66
N GLY A 46 10.34 23.55 -14.01
CA GLY A 46 9.04 23.82 -14.59
C GLY A 46 7.90 23.34 -13.70
N GLY A 1 -10.69 -20.27 -7.26
CA GLY A 1 -10.82 -19.95 -5.85
C GLY A 1 -11.83 -18.84 -5.60
N SER A 2 -12.25 -18.71 -4.34
CA SER A 2 -13.23 -17.69 -3.97
C SER A 2 -12.90 -17.10 -2.60
N SER A 3 -12.63 -15.80 -2.57
CA SER A 3 -12.30 -15.11 -1.33
C SER A 3 -13.54 -14.44 -0.73
N GLY A 4 -13.70 -14.56 0.58
CA GLY A 4 -14.84 -13.96 1.25
C GLY A 4 -14.49 -12.66 1.94
N SER A 5 -15.42 -11.72 1.92
CA SER A 5 -15.20 -10.42 2.55
C SER A 5 -16.23 -10.16 3.64
N SER A 6 -16.51 -11.18 4.44
CA SER A 6 -17.48 -11.07 5.52
C SER A 6 -16.78 -10.89 6.86
N GLY A 7 -17.25 -9.93 7.65
CA GLY A 7 -16.66 -9.66 8.95
C GLY A 7 -16.70 -8.20 9.32
N SER A 8 -16.43 -7.91 10.59
CA SER A 8 -16.44 -6.53 11.08
C SER A 8 -15.24 -5.76 10.55
N GLY A 9 -14.06 -6.34 10.70
CA GLY A 9 -12.84 -5.69 10.22
C GLY A 9 -12.82 -5.53 8.72
N GLU A 10 -12.42 -4.35 8.26
CA GLU A 10 -12.35 -4.06 6.84
C GLU A 10 -11.16 -3.17 6.51
N LYS A 11 -10.77 -3.15 5.24
CA LYS A 11 -9.64 -2.33 4.80
C LYS A 11 -10.05 -1.43 3.64
N PRO A 12 -10.59 -0.25 3.96
CA PRO A 12 -11.02 0.72 2.96
C PRO A 12 -9.85 1.36 2.21
N PHE A 13 -8.65 1.20 2.77
CA PHE A 13 -7.45 1.75 2.14
C PHE A 13 -6.55 0.63 1.62
N LYS A 14 -6.11 0.78 0.38
CA LYS A 14 -5.24 -0.22 -0.25
C LYS A 14 -4.16 0.46 -1.09
N CYS A 15 -2.96 -0.12 -1.08
CA CYS A 15 -1.85 0.41 -1.83
C CYS A 15 -1.99 0.11 -3.32
N LYS A 16 -1.95 1.15 -4.14
CA LYS A 16 -2.07 0.99 -5.58
C LYS A 16 -0.71 0.71 -6.22
N GLU A 17 0.26 0.33 -5.39
CA GLU A 17 1.59 0.02 -5.88
C GLU A 17 1.91 -1.47 -5.71
N CYS A 18 1.61 -1.99 -4.52
CA CYS A 18 1.86 -3.41 -4.23
C CYS A 18 0.55 -4.15 -4.00
N GLY A 19 -0.32 -3.56 -3.18
CA GLY A 19 -1.60 -4.18 -2.88
C GLY A 19 -1.81 -4.39 -1.40
N LYS A 20 -1.11 -3.61 -0.58
CA LYS A 20 -1.23 -3.72 0.87
C LYS A 20 -2.54 -3.11 1.34
N ALA A 21 -3.18 -3.79 2.29
CA ALA A 21 -4.45 -3.31 2.84
C ALA A 21 -4.24 -2.64 4.20
N PHE A 22 -4.97 -1.55 4.43
CA PHE A 22 -4.87 -0.81 5.68
C PHE A 22 -6.25 -0.57 6.29
N ARG A 23 -6.27 0.15 7.40
CA ARG A 23 -7.53 0.46 8.09
C ARG A 23 -7.74 1.96 8.18
N GLN A 24 -6.64 2.70 8.29
CA GLN A 24 -6.70 4.16 8.40
C GLN A 24 -5.99 4.82 7.23
N ASN A 25 -6.48 5.99 6.83
CA ASN A 25 -5.89 6.73 5.71
C ASN A 25 -4.42 7.05 5.98
N ILE A 26 -4.08 7.22 7.26
CA ILE A 26 -2.72 7.53 7.66
C ILE A 26 -1.79 6.36 7.35
N HIS A 27 -2.25 5.15 7.63
CA HIS A 27 -1.45 3.95 7.39
C HIS A 27 -1.04 3.86 5.93
N LEU A 28 -2.00 4.06 5.03
CA LEU A 28 -1.73 4.00 3.60
C LEU A 28 -0.78 5.12 3.18
N ALA A 29 -1.12 6.35 3.55
CA ALA A 29 -0.29 7.50 3.21
C ALA A 29 1.09 7.40 3.85
N SER A 30 1.19 6.57 4.89
CA SER A 30 2.44 6.38 5.60
C SER A 30 3.21 5.18 5.04
N HIS A 31 2.52 4.37 4.24
CA HIS A 31 3.14 3.19 3.63
C HIS A 31 3.63 3.49 2.23
N LEU A 32 2.74 4.03 1.40
CA LEU A 32 3.09 4.37 0.03
C LEU A 32 4.50 4.92 -0.07
N ARG A 33 4.96 5.52 1.02
CA ARG A 33 6.31 6.10 1.07
C ARG A 33 7.35 5.07 0.65
N ILE A 34 7.26 3.87 1.23
CA ILE A 34 8.20 2.80 0.91
C ILE A 34 8.40 2.68 -0.60
N HIS A 35 7.40 3.10 -1.36
CA HIS A 35 7.47 3.04 -2.82
C HIS A 35 8.21 4.26 -3.38
N THR A 36 8.99 4.92 -2.52
CA THR A 36 9.74 6.10 -2.93
C THR A 36 11.09 5.70 -3.52
N GLY A 37 11.72 4.70 -2.93
CA GLY A 37 13.02 4.25 -3.41
C GLY A 37 12.92 3.00 -4.27
N GLU A 38 12.23 1.99 -3.76
CA GLU A 38 12.05 0.74 -4.49
C GLU A 38 11.22 0.96 -5.75
N LYS A 39 11.78 0.57 -6.90
CA LYS A 39 11.10 0.72 -8.18
C LYS A 39 9.69 0.16 -8.10
N PRO A 40 8.83 0.61 -9.03
CA PRO A 40 7.43 0.17 -9.09
C PRO A 40 7.30 -1.28 -9.54
N SER A 41 6.79 -2.13 -8.65
CA SER A 41 6.62 -3.54 -8.95
C SER A 41 5.55 -4.17 -8.06
N GLY A 42 4.79 -5.09 -8.62
CA GLY A 42 3.74 -5.75 -7.86
C GLY A 42 3.49 -7.17 -8.33
N PRO A 43 4.20 -8.13 -7.71
CA PRO A 43 4.07 -9.55 -8.05
C PRO A 43 2.72 -10.13 -7.62
N SER A 44 2.58 -11.45 -7.76
CA SER A 44 1.35 -12.12 -7.39
C SER A 44 1.45 -12.74 -6.00
N SER A 45 0.35 -13.31 -5.52
CA SER A 45 0.33 -13.93 -4.21
C SER A 45 0.72 -12.94 -3.12
N GLY A 46 0.20 -11.72 -3.23
CA GLY A 46 0.51 -10.70 -2.26
C GLY A 46 1.03 -9.42 -2.89
N GLY A 1 -2.80 -21.22 -1.98
CA GLY A 1 -3.71 -21.35 -3.11
C GLY A 1 -4.43 -20.05 -3.41
N SER A 2 -5.10 -20.00 -4.56
CA SER A 2 -5.84 -18.82 -4.97
C SER A 2 -7.34 -19.06 -4.92
N SER A 3 -7.93 -18.79 -3.76
CA SER A 3 -9.37 -18.99 -3.58
C SER A 3 -10.17 -18.02 -4.45
N GLY A 4 -9.87 -16.73 -4.33
CA GLY A 4 -10.56 -15.73 -5.12
C GLY A 4 -11.22 -14.68 -4.26
N SER A 5 -12.49 -14.90 -3.93
CA SER A 5 -13.25 -13.96 -3.11
C SER A 5 -13.21 -14.37 -1.63
N SER A 6 -12.19 -13.90 -0.92
CA SER A 6 -12.03 -14.22 0.50
C SER A 6 -12.09 -12.96 1.34
N GLY A 7 -12.95 -12.96 2.35
CA GLY A 7 -13.08 -11.81 3.23
C GLY A 7 -12.11 -11.86 4.39
N SER A 8 -10.84 -12.14 4.09
CA SER A 8 -9.81 -12.22 5.13
C SER A 8 -9.17 -10.86 5.37
N GLY A 9 -9.82 -10.06 6.21
CA GLY A 9 -9.31 -8.73 6.52
C GLY A 9 -9.91 -7.66 5.64
N GLU A 10 -11.00 -7.06 6.12
CA GLU A 10 -11.68 -6.01 5.36
C GLU A 10 -11.02 -4.65 5.61
N LYS A 11 -10.57 -4.02 4.53
CA LYS A 11 -9.93 -2.71 4.63
C LYS A 11 -10.29 -1.83 3.43
N PRO A 12 -10.87 -0.66 3.72
CA PRO A 12 -11.29 0.29 2.69
C PRO A 12 -10.10 0.94 1.99
N PHE A 13 -8.94 0.91 2.65
CA PHE A 13 -7.73 1.50 2.09
C PHE A 13 -6.81 0.42 1.52
N LYS A 14 -6.39 0.61 0.28
CA LYS A 14 -5.51 -0.34 -0.39
C LYS A 14 -4.38 0.38 -1.11
N CYS A 15 -3.21 -0.26 -1.15
CA CYS A 15 -2.05 0.31 -1.82
C CYS A 15 -2.10 0.07 -3.32
N LYS A 16 -1.95 1.16 -4.08
CA LYS A 16 -1.98 1.07 -5.54
C LYS A 16 -0.65 0.59 -6.09
N GLU A 17 0.36 0.53 -5.22
CA GLU A 17 1.69 0.08 -5.62
C GLU A 17 1.79 -1.43 -5.62
N CYS A 18 1.66 -2.02 -4.43
CA CYS A 18 1.73 -3.48 -4.29
C CYS A 18 0.34 -4.08 -4.11
N GLY A 19 -0.47 -3.43 -3.27
CA GLY A 19 -1.82 -3.91 -3.02
C GLY A 19 -2.09 -4.11 -1.54
N LYS A 20 -1.16 -3.70 -0.71
CA LYS A 20 -1.32 -3.83 0.74
C LYS A 20 -2.65 -3.26 1.20
N ALA A 21 -3.05 -3.61 2.42
CA ALA A 21 -4.31 -3.13 2.98
C ALA A 21 -4.08 -2.36 4.27
N PHE A 22 -4.93 -1.38 4.54
CA PHE A 22 -4.82 -0.57 5.74
C PHE A 22 -6.20 -0.21 6.30
N ARG A 23 -6.25 0.13 7.59
CA ARG A 23 -7.50 0.48 8.23
C ARG A 23 -7.70 2.00 8.24
N GLN A 24 -6.60 2.72 8.41
CA GLN A 24 -6.65 4.18 8.45
C GLN A 24 -5.95 4.77 7.23
N ASN A 25 -6.43 5.94 6.79
CA ASN A 25 -5.86 6.61 5.63
C ASN A 25 -4.41 7.03 5.89
N ILE A 26 -4.11 7.29 7.17
CA ILE A 26 -2.76 7.70 7.56
C ILE A 26 -1.77 6.55 7.40
N HIS A 27 -2.25 5.34 7.63
CA HIS A 27 -1.40 4.15 7.51
C HIS A 27 -0.98 3.93 6.06
N LEU A 28 -1.95 4.00 5.15
CA LEU A 28 -1.67 3.81 3.73
C LEU A 28 -0.69 4.85 3.22
N ALA A 29 -1.02 6.12 3.47
CA ALA A 29 -0.17 7.22 3.03
C ALA A 29 1.25 7.08 3.57
N SER A 30 1.36 6.62 4.81
CA SER A 30 2.66 6.42 5.45
C SER A 30 3.40 5.24 4.82
N HIS A 31 2.66 4.33 4.22
CA HIS A 31 3.23 3.16 3.58
C HIS A 31 3.78 3.52 2.19
N LEU A 32 2.97 4.22 1.41
CA LEU A 32 3.36 4.63 0.06
C LEU A 32 4.79 5.18 0.06
N ARG A 33 5.24 5.62 1.23
CA ARG A 33 6.59 6.18 1.35
C ARG A 33 7.64 5.21 0.82
N ILE A 34 7.62 3.99 1.33
CA ILE A 34 8.57 2.97 0.90
C ILE A 34 8.47 2.72 -0.60
N HIS A 35 7.35 3.13 -1.19
CA HIS A 35 7.13 2.96 -2.63
C HIS A 35 7.66 4.15 -3.40
N THR A 36 7.52 5.34 -2.80
CA THR A 36 7.99 6.57 -3.44
C THR A 36 9.32 7.03 -2.87
N GLY A 37 10.23 7.44 -3.75
CA GLY A 37 11.53 7.90 -3.31
C GLY A 37 12.63 7.55 -4.29
N GLU A 38 13.80 8.16 -4.12
CA GLU A 38 14.93 7.91 -5.00
C GLU A 38 14.54 8.12 -6.46
N LYS A 39 13.63 9.04 -6.70
CA LYS A 39 13.17 9.34 -8.05
C LYS A 39 13.93 10.54 -8.63
N PRO A 40 14.15 10.50 -9.95
CA PRO A 40 14.86 11.58 -10.65
C PRO A 40 14.06 12.87 -10.72
N SER A 41 14.51 13.80 -11.54
CA SER A 41 13.82 15.08 -11.69
C SER A 41 13.65 15.77 -10.35
N GLY A 42 14.53 15.43 -9.40
CA GLY A 42 14.45 16.03 -8.08
C GLY A 42 13.02 16.30 -7.64
N PRO A 43 12.36 15.27 -7.11
CA PRO A 43 10.97 15.39 -6.65
C PRO A 43 10.84 16.24 -5.39
N SER A 44 11.69 15.95 -4.41
CA SER A 44 11.67 16.70 -3.14
C SER A 44 13.01 17.39 -2.90
N SER A 45 14.09 16.63 -3.10
CA SER A 45 15.43 17.16 -2.89
C SER A 45 15.52 17.94 -1.58
N GLY A 46 14.98 17.36 -0.52
CA GLY A 46 15.00 18.02 0.77
C GLY A 46 13.74 17.76 1.58
N GLY A 1 -26.03 -14.46 -10.23
CA GLY A 1 -24.77 -15.02 -10.66
C GLY A 1 -23.95 -15.54 -9.50
N SER A 2 -23.11 -14.68 -8.93
CA SER A 2 -22.26 -15.07 -7.81
C SER A 2 -22.48 -14.13 -6.62
N SER A 3 -22.36 -12.84 -6.86
CA SER A 3 -22.56 -11.84 -5.81
C SER A 3 -21.87 -12.29 -4.52
N GLY A 4 -20.66 -12.83 -4.66
CA GLY A 4 -19.92 -13.28 -3.49
C GLY A 4 -18.43 -13.42 -3.77
N SER A 5 -18.09 -14.27 -4.73
CA SER A 5 -16.69 -14.50 -5.09
C SER A 5 -15.94 -13.17 -5.20
N SER A 6 -14.88 -13.04 -4.43
CA SER A 6 -14.07 -11.82 -4.43
C SER A 6 -14.96 -10.58 -4.52
N GLY A 7 -16.05 -10.59 -3.77
CA GLY A 7 -16.97 -9.47 -3.78
C GLY A 7 -17.29 -8.98 -2.38
N SER A 8 -16.27 -8.90 -1.54
CA SER A 8 -16.44 -8.45 -0.16
C SER A 8 -15.33 -7.47 0.24
N GLY A 9 -15.71 -6.21 0.41
CA GLY A 9 -14.74 -5.19 0.79
C GLY A 9 -14.10 -5.47 2.13
N GLU A 10 -12.79 -5.64 2.15
CA GLU A 10 -12.06 -5.92 3.39
C GLU A 10 -11.53 -4.63 4.00
N LYS A 11 -10.69 -3.93 3.26
CA LYS A 11 -10.10 -2.67 3.73
C LYS A 11 -10.36 -1.54 2.74
N PRO A 12 -10.78 -0.38 3.25
CA PRO A 12 -11.07 0.79 2.42
C PRO A 12 -9.80 1.41 1.83
N PHE A 13 -8.69 1.29 2.56
CA PHE A 13 -7.42 1.84 2.11
C PHE A 13 -6.49 0.72 1.63
N LYS A 14 -6.05 0.83 0.38
CA LYS A 14 -5.15 -0.16 -0.21
C LYS A 14 -4.10 0.50 -1.08
N CYS A 15 -2.93 -0.13 -1.16
CA CYS A 15 -1.83 0.40 -1.96
C CYS A 15 -1.99 0.02 -3.43
N LYS A 16 -1.83 0.99 -4.31
CA LYS A 16 -1.95 0.76 -5.75
C LYS A 16 -0.65 0.23 -6.33
N GLU A 17 0.40 0.23 -5.51
CA GLU A 17 1.71 -0.25 -5.95
C GLU A 17 1.82 -1.77 -5.75
N CYS A 18 1.79 -2.19 -4.50
CA CYS A 18 1.89 -3.61 -4.17
C CYS A 18 0.51 -4.21 -3.93
N GLY A 19 -0.27 -3.55 -3.08
CA GLY A 19 -1.61 -4.03 -2.78
C GLY A 19 -1.87 -4.11 -1.28
N LYS A 20 -0.92 -3.63 -0.50
CA LYS A 20 -1.05 -3.64 0.96
C LYS A 20 -2.34 -2.97 1.39
N ALA A 21 -3.03 -3.58 2.34
CA ALA A 21 -4.29 -3.05 2.84
C ALA A 21 -4.08 -2.28 4.14
N PHE A 22 -4.99 -1.36 4.44
CA PHE A 22 -4.90 -0.56 5.66
C PHE A 22 -6.29 -0.24 6.21
N ARG A 23 -6.35 0.05 7.50
CA ARG A 23 -7.62 0.36 8.15
C ARG A 23 -7.83 1.87 8.23
N GLN A 24 -6.74 2.61 8.40
CA GLN A 24 -6.79 4.05 8.49
C GLN A 24 -6.08 4.72 7.32
N ASN A 25 -6.38 5.99 7.07
CA ASN A 25 -5.76 6.72 5.98
C ASN A 25 -4.29 7.02 6.28
N ILE A 26 -4.02 7.38 7.54
CA ILE A 26 -2.66 7.70 7.95
C ILE A 26 -1.75 6.49 7.80
N HIS A 27 -2.34 5.30 7.73
CA HIS A 27 -1.58 4.07 7.59
C HIS A 27 -1.15 3.87 6.13
N LEU A 28 -2.09 4.08 5.21
CA LEU A 28 -1.80 3.92 3.79
C LEU A 28 -0.80 4.96 3.31
N ALA A 29 -1.07 6.22 3.61
CA ALA A 29 -0.19 7.32 3.22
C ALA A 29 1.22 7.09 3.75
N SER A 30 1.32 6.53 4.94
CA SER A 30 2.63 6.27 5.56
C SER A 30 3.31 5.10 4.88
N HIS A 31 2.52 4.23 4.26
CA HIS A 31 3.06 3.05 3.57
C HIS A 31 3.56 3.43 2.18
N LEU A 32 2.70 4.05 1.40
CA LEU A 32 3.04 4.47 0.04
C LEU A 32 4.48 4.99 -0.01
N ARG A 33 4.97 5.48 1.12
CA ARG A 33 6.31 6.01 1.20
C ARG A 33 7.33 5.03 0.61
N ILE A 34 7.31 3.79 1.11
CA ILE A 34 8.22 2.77 0.62
C ILE A 34 8.23 2.70 -0.90
N HIS A 35 7.20 3.28 -1.51
CA HIS A 35 7.09 3.30 -2.97
C HIS A 35 7.33 4.70 -3.51
N THR A 36 7.00 5.71 -2.70
CA THR A 36 7.17 7.10 -3.11
C THR A 36 8.45 7.68 -2.53
N GLY A 37 9.52 6.88 -2.52
CA GLY A 37 10.79 7.34 -1.99
C GLY A 37 11.75 7.76 -3.08
N GLU A 38 11.59 7.18 -4.27
CA GLU A 38 12.46 7.51 -5.40
C GLU A 38 11.81 8.56 -6.29
N LYS A 39 10.75 9.18 -5.80
CA LYS A 39 10.05 10.21 -6.55
C LYS A 39 10.69 11.58 -6.34
N PRO A 40 10.92 12.30 -7.44
CA PRO A 40 11.53 13.64 -7.39
C PRO A 40 10.60 14.68 -6.79
N SER A 41 9.33 14.32 -6.66
CA SER A 41 8.33 15.23 -6.10
C SER A 41 8.35 15.18 -4.57
N GLY A 42 8.01 16.29 -3.94
CA GLY A 42 7.99 16.35 -2.49
C GLY A 42 9.23 17.00 -1.91
N PRO A 43 9.08 17.63 -0.74
CA PRO A 43 10.19 18.31 -0.06
C PRO A 43 11.22 17.32 0.48
N SER A 44 12.43 17.81 0.72
CA SER A 44 13.51 16.97 1.23
C SER A 44 13.81 17.32 2.69
N SER A 45 12.75 17.53 3.47
CA SER A 45 12.89 17.87 4.88
C SER A 45 13.68 19.15 5.05
N GLY A 46 13.34 20.16 4.25
CA GLY A 46 14.03 21.44 4.33
C GLY A 46 13.48 22.33 5.42
N GLY A 1 -5.43 -31.06 7.98
CA GLY A 1 -5.96 -29.91 7.24
C GLY A 1 -5.44 -28.60 7.77
N SER A 2 -4.46 -28.02 7.08
CA SER A 2 -3.88 -26.76 7.48
C SER A 2 -4.96 -25.72 7.77
N SER A 3 -5.11 -25.36 9.04
CA SER A 3 -6.11 -24.39 9.45
C SER A 3 -5.46 -23.05 9.79
N GLY A 4 -6.20 -21.97 9.57
CA GLY A 4 -5.68 -20.64 9.85
C GLY A 4 -6.77 -19.59 9.85
N SER A 5 -6.47 -18.44 10.46
CA SER A 5 -7.43 -17.35 10.54
C SER A 5 -6.97 -16.16 9.71
N SER A 6 -7.30 -16.18 8.42
CA SER A 6 -6.91 -15.11 7.51
C SER A 6 -7.94 -13.99 7.53
N GLY A 7 -7.54 -12.82 7.05
CA GLY A 7 -8.44 -11.67 7.02
C GLY A 7 -9.03 -11.36 8.38
N SER A 8 -8.22 -10.76 9.25
CA SER A 8 -8.68 -10.41 10.59
C SER A 8 -9.17 -8.97 10.64
N GLY A 9 -9.97 -8.59 9.66
CA GLY A 9 -10.49 -7.24 9.61
C GLY A 9 -10.54 -6.68 8.20
N GLU A 10 -11.43 -5.72 7.97
CA GLU A 10 -11.58 -5.11 6.65
C GLU A 10 -10.80 -3.80 6.57
N LYS A 11 -10.35 -3.47 5.37
CA LYS A 11 -9.58 -2.25 5.15
C LYS A 11 -9.96 -1.61 3.81
N PRO A 12 -10.55 -0.41 3.88
CA PRO A 12 -10.96 0.34 2.69
C PRO A 12 -9.78 0.86 1.89
N PHE A 13 -8.67 1.12 2.58
CA PHE A 13 -7.47 1.63 1.94
C PHE A 13 -6.59 0.48 1.45
N LYS A 14 -6.14 0.58 0.21
CA LYS A 14 -5.28 -0.46 -0.38
C LYS A 14 -4.19 0.17 -1.23
N CYS A 15 -2.94 -0.21 -0.95
CA CYS A 15 -1.80 0.31 -1.69
C CYS A 15 -1.99 0.12 -3.19
N LYS A 16 -1.80 1.19 -3.95
CA LYS A 16 -1.95 1.14 -5.40
C LYS A 16 -0.61 0.84 -6.07
N GLU A 17 0.29 0.20 -5.33
CA GLU A 17 1.60 -0.14 -5.86
C GLU A 17 1.89 -1.63 -5.69
N CYS A 18 1.64 -2.14 -4.48
CA CYS A 18 1.87 -3.55 -4.18
C CYS A 18 0.54 -4.28 -4.01
N GLY A 19 -0.39 -3.65 -3.32
CA GLY A 19 -1.69 -4.26 -3.09
C GLY A 19 -2.01 -4.42 -1.62
N LYS A 20 -1.22 -3.77 -0.77
CA LYS A 20 -1.42 -3.85 0.67
C LYS A 20 -2.77 -3.28 1.07
N ALA A 21 -3.09 -3.33 2.36
CA ALA A 21 -4.34 -2.82 2.87
C ALA A 21 -4.15 -2.12 4.20
N PHE A 22 -5.01 -1.14 4.48
CA PHE A 22 -4.94 -0.38 5.73
C PHE A 22 -6.33 0.06 6.18
N ARG A 23 -6.53 0.12 7.49
CA ARG A 23 -7.82 0.53 8.05
C ARG A 23 -7.92 2.05 8.12
N GLN A 24 -6.79 2.71 8.35
CA GLN A 24 -6.75 4.17 8.43
C GLN A 24 -6.01 4.76 7.25
N ASN A 25 -6.42 5.96 6.85
CA ASN A 25 -5.79 6.64 5.72
C ASN A 25 -4.32 6.97 6.02
N ILE A 26 -4.05 7.33 7.27
CA ILE A 26 -2.69 7.66 7.68
C ILE A 26 -1.74 6.49 7.43
N HIS A 27 -2.18 5.29 7.79
CA HIS A 27 -1.37 4.09 7.60
C HIS A 27 -0.93 3.96 6.15
N LEU A 28 -1.90 4.05 5.23
CA LEU A 28 -1.61 3.93 3.81
C LEU A 28 -0.62 5.00 3.37
N ALA A 29 -0.92 6.26 3.68
CA ALA A 29 -0.05 7.37 3.32
C ALA A 29 1.33 7.22 3.94
N SER A 30 1.39 6.51 5.07
CA SER A 30 2.65 6.28 5.77
C SER A 30 3.40 5.10 5.16
N HIS A 31 2.69 4.28 4.41
CA HIS A 31 3.30 3.11 3.77
C HIS A 31 3.72 3.43 2.35
N LEU A 32 2.75 3.85 1.53
CA LEU A 32 3.02 4.18 0.14
C LEU A 32 4.39 4.82 -0.02
N ARG A 33 4.83 5.53 1.02
CA ARG A 33 6.12 6.20 1.00
C ARG A 33 7.21 5.26 0.52
N ILE A 34 7.25 4.05 1.09
CA ILE A 34 8.24 3.05 0.71
C ILE A 34 8.34 2.92 -0.80
N HIS A 35 7.26 3.27 -1.50
CA HIS A 35 7.23 3.20 -2.95
C HIS A 35 7.80 4.47 -3.57
N THR A 36 7.62 5.59 -2.89
CA THR A 36 8.10 6.87 -3.37
C THR A 36 9.38 7.29 -2.66
N GLY A 37 10.50 6.68 -3.05
CA GLY A 37 11.78 7.01 -2.42
C GLY A 37 12.94 6.32 -3.10
N GLU A 38 13.03 5.00 -2.93
CA GLU A 38 14.10 4.23 -3.52
C GLU A 38 13.57 3.29 -4.60
N LYS A 39 13.64 3.74 -5.85
CA LYS A 39 13.17 2.95 -6.98
C LYS A 39 14.16 1.85 -7.33
N PRO A 40 13.63 0.65 -7.64
CA PRO A 40 14.45 -0.51 -7.99
C PRO A 40 15.13 -0.34 -9.36
N SER A 41 15.72 -1.42 -9.85
CA SER A 41 16.40 -1.40 -11.13
C SER A 41 15.40 -1.36 -12.28
N GLY A 42 15.75 -0.63 -13.34
CA GLY A 42 14.87 -0.53 -14.49
C GLY A 42 14.97 0.81 -15.17
N PRO A 43 13.96 1.13 -16.00
CA PRO A 43 13.92 2.40 -16.74
C PRO A 43 13.68 3.60 -15.83
N SER A 44 14.77 4.15 -15.29
CA SER A 44 14.68 5.30 -14.40
C SER A 44 15.16 6.57 -15.10
N SER A 45 14.58 7.71 -14.71
CA SER A 45 14.95 8.99 -15.29
C SER A 45 16.11 9.62 -14.55
N GLY A 46 16.04 9.60 -13.22
CA GLY A 46 17.09 10.17 -12.40
C GLY A 46 17.03 11.69 -12.37
N GLY A 1 -20.77 -26.77 2.06
CA GLY A 1 -21.38 -25.48 2.35
C GLY A 1 -20.37 -24.36 2.36
N SER A 2 -20.73 -23.25 3.01
CA SER A 2 -19.85 -22.09 3.09
C SER A 2 -20.07 -21.33 4.39
N SER A 3 -19.08 -21.35 5.27
CA SER A 3 -19.18 -20.66 6.55
C SER A 3 -18.68 -19.22 6.43
N GLY A 4 -17.49 -19.04 5.89
CA GLY A 4 -16.93 -17.71 5.72
C GLY A 4 -17.31 -16.79 6.86
N SER A 5 -17.14 -17.25 8.09
CA SER A 5 -17.47 -16.45 9.26
C SER A 5 -16.25 -16.27 10.16
N SER A 6 -15.10 -16.04 9.54
CA SER A 6 -13.86 -15.85 10.28
C SER A 6 -13.62 -14.37 10.57
N GLY A 7 -13.62 -13.56 9.52
CA GLY A 7 -13.40 -12.14 9.68
C GLY A 7 -12.00 -11.81 10.18
N SER A 8 -11.41 -10.76 9.65
CA SER A 8 -10.07 -10.34 10.04
C SER A 8 -10.02 -8.85 10.36
N GLY A 9 -10.44 -8.03 9.39
CA GLY A 9 -10.44 -6.60 9.59
C GLY A 9 -10.54 -5.84 8.28
N GLU A 10 -11.77 -5.59 7.84
CA GLU A 10 -12.01 -4.86 6.59
C GLU A 10 -11.07 -3.66 6.48
N LYS A 11 -10.59 -3.41 5.26
CA LYS A 11 -9.69 -2.29 5.02
C LYS A 11 -9.98 -1.64 3.68
N PRO A 12 -10.57 -0.43 3.71
CA PRO A 12 -10.92 0.31 2.50
C PRO A 12 -9.68 0.83 1.76
N PHE A 13 -8.63 1.14 2.52
CA PHE A 13 -7.39 1.65 1.95
C PHE A 13 -6.53 0.50 1.42
N LYS A 14 -6.29 0.51 0.12
CA LYS A 14 -5.48 -0.54 -0.52
C LYS A 14 -4.43 0.08 -1.44
N CYS A 15 -3.16 -0.15 -1.12
CA CYS A 15 -2.07 0.38 -1.91
C CYS A 15 -2.20 -0.04 -3.37
N LYS A 16 -2.35 0.95 -4.25
CA LYS A 16 -2.51 0.69 -5.68
C LYS A 16 -1.14 0.53 -6.35
N GLU A 17 -0.14 0.13 -5.56
CA GLU A 17 1.21 -0.06 -6.08
C GLU A 17 1.69 -1.48 -5.82
N CYS A 18 1.43 -1.98 -4.60
CA CYS A 18 1.84 -3.32 -4.23
C CYS A 18 0.63 -4.21 -3.96
N GLY A 19 -0.32 -3.68 -3.20
CA GLY A 19 -1.52 -4.43 -2.88
C GLY A 19 -1.74 -4.55 -1.38
N LYS A 20 -1.09 -3.67 -0.62
CA LYS A 20 -1.23 -3.68 0.83
C LYS A 20 -2.56 -3.08 1.26
N ALA A 21 -3.05 -3.50 2.42
CA ALA A 21 -4.32 -3.00 2.94
C ALA A 21 -4.12 -2.24 4.25
N PHE A 22 -4.98 -1.26 4.51
CA PHE A 22 -4.89 -0.46 5.72
C PHE A 22 -6.28 -0.13 6.26
N ARG A 23 -6.36 0.08 7.56
CA ARG A 23 -7.64 0.40 8.20
C ARG A 23 -7.91 1.89 8.14
N GLN A 24 -6.86 2.69 8.27
CA GLN A 24 -6.98 4.15 8.23
C GLN A 24 -6.14 4.73 7.11
N ASN A 25 -6.38 6.01 6.81
CA ASN A 25 -5.63 6.69 5.75
C ASN A 25 -4.20 6.96 6.18
N ILE A 26 -4.03 7.43 7.41
CA ILE A 26 -2.71 7.73 7.95
C ILE A 26 -1.74 6.57 7.67
N HIS A 27 -2.25 5.35 7.72
CA HIS A 27 -1.44 4.17 7.47
C HIS A 27 -0.98 4.11 6.02
N LEU A 28 -1.93 4.21 5.10
CA LEU A 28 -1.64 4.17 3.67
C LEU A 28 -0.58 5.20 3.31
N ALA A 29 -0.85 6.46 3.65
CA ALA A 29 0.08 7.55 3.37
C ALA A 29 1.43 7.31 4.03
N SER A 30 1.42 6.52 5.10
CA SER A 30 2.64 6.22 5.85
C SER A 30 3.37 5.04 5.21
N HIS A 31 2.66 4.28 4.38
CA HIS A 31 3.25 3.13 3.71
C HIS A 31 3.74 3.49 2.32
N LEU A 32 2.85 4.05 1.50
CA LEU A 32 3.20 4.44 0.14
C LEU A 32 4.63 4.97 0.08
N ARG A 33 5.08 5.58 1.18
CA ARG A 33 6.44 6.13 1.25
C ARG A 33 7.46 5.11 0.75
N ILE A 34 7.37 3.89 1.24
CA ILE A 34 8.29 2.83 0.84
C ILE A 34 8.44 2.78 -0.68
N HIS A 35 7.42 3.26 -1.38
CA HIS A 35 7.45 3.28 -2.84
C HIS A 35 8.13 4.55 -3.36
N THR A 36 7.91 5.65 -2.67
CA THR A 36 8.50 6.93 -3.05
C THR A 36 9.79 7.20 -2.28
N GLY A 37 10.62 6.18 -2.15
CA GLY A 37 11.87 6.33 -1.43
C GLY A 37 13.07 6.01 -2.29
N GLU A 38 13.89 7.02 -2.55
CA GLU A 38 15.09 6.84 -3.37
C GLU A 38 16.23 7.73 -2.88
N LYS A 39 17.44 7.18 -2.88
CA LYS A 39 18.61 7.92 -2.44
C LYS A 39 19.67 7.98 -3.54
N PRO A 40 20.36 9.13 -3.63
CA PRO A 40 21.40 9.34 -4.63
C PRO A 40 22.65 8.51 -4.36
N SER A 41 22.75 7.98 -3.13
CA SER A 41 23.89 7.17 -2.74
C SER A 41 23.49 5.70 -2.63
N GLY A 42 24.32 4.83 -3.21
CA GLY A 42 24.03 3.40 -3.17
C GLY A 42 23.13 2.95 -4.30
N PRO A 43 23.35 1.72 -4.78
CA PRO A 43 22.56 1.16 -5.88
C PRO A 43 21.13 0.84 -5.45
N SER A 44 20.39 0.18 -6.33
CA SER A 44 19.00 -0.19 -6.05
C SER A 44 18.81 -1.69 -6.14
N SER A 45 18.99 -2.24 -7.35
CA SER A 45 18.83 -3.67 -7.56
C SER A 45 20.13 -4.41 -7.30
N GLY A 46 20.06 -5.73 -7.25
CA GLY A 46 21.24 -6.54 -7.01
C GLY A 46 21.02 -8.01 -7.34
N GLY A 1 -12.63 -29.81 1.67
CA GLY A 1 -11.81 -28.79 2.29
C GLY A 1 -12.30 -28.41 3.68
N SER A 2 -11.36 -28.21 4.60
CA SER A 2 -11.70 -27.86 5.97
C SER A 2 -11.40 -26.39 6.24
N SER A 3 -10.17 -25.98 5.94
CA SER A 3 -9.75 -24.60 6.15
C SER A 3 -10.29 -23.69 5.05
N GLY A 4 -10.57 -22.44 5.42
CA GLY A 4 -11.10 -21.49 4.46
C GLY A 4 -10.88 -20.05 4.89
N SER A 5 -9.62 -19.69 5.11
CA SER A 5 -9.28 -18.34 5.52
C SER A 5 -8.50 -17.61 4.43
N SER A 6 -9.24 -16.99 3.51
CA SER A 6 -8.63 -16.27 2.41
C SER A 6 -9.29 -14.91 2.21
N GLY A 7 -8.65 -13.86 2.73
CA GLY A 7 -9.21 -12.52 2.61
C GLY A 7 -10.48 -12.35 3.40
N SER A 8 -10.35 -11.68 4.55
CA SER A 8 -11.50 -11.45 5.43
C SER A 8 -11.87 -9.97 5.45
N GLY A 9 -12.89 -9.60 4.69
CA GLY A 9 -13.33 -8.21 4.65
C GLY A 9 -12.31 -7.31 3.97
N GLU A 10 -12.65 -6.87 2.76
CA GLU A 10 -11.75 -6.00 2.00
C GLU A 10 -11.57 -4.65 2.70
N LYS A 11 -10.33 -4.34 3.06
CA LYS A 11 -10.02 -3.09 3.73
C LYS A 11 -10.37 -1.90 2.86
N PRO A 12 -10.74 -0.77 3.49
CA PRO A 12 -11.10 0.46 2.80
C PRO A 12 -9.90 1.12 2.12
N PHE A 13 -8.74 1.01 2.75
CA PHE A 13 -7.51 1.59 2.21
C PHE A 13 -6.65 0.53 1.54
N LYS A 14 -6.44 0.68 0.24
CA LYS A 14 -5.63 -0.26 -0.53
C LYS A 14 -4.43 0.43 -1.14
N CYS A 15 -3.30 -0.27 -1.17
CA CYS A 15 -2.07 0.28 -1.73
C CYS A 15 -2.08 0.19 -3.26
N LYS A 16 -1.86 1.32 -3.92
CA LYS A 16 -1.85 1.37 -5.38
C LYS A 16 -0.44 1.13 -5.92
N GLU A 17 0.38 0.44 -5.12
CA GLU A 17 1.75 0.13 -5.52
C GLU A 17 1.99 -1.38 -5.52
N CYS A 18 1.59 -2.03 -4.44
CA CYS A 18 1.76 -3.47 -4.31
C CYS A 18 0.42 -4.16 -4.08
N GLY A 19 -0.38 -3.60 -3.18
CA GLY A 19 -1.68 -4.18 -2.88
C GLY A 19 -1.99 -4.16 -1.40
N LYS A 20 -0.96 -3.94 -0.59
CA LYS A 20 -1.13 -3.89 0.87
C LYS A 20 -2.40 -3.14 1.24
N ALA A 21 -3.06 -3.61 2.30
CA ALA A 21 -4.29 -2.98 2.77
C ALA A 21 -4.06 -2.22 4.07
N PHE A 22 -5.06 -1.46 4.50
CA PHE A 22 -4.96 -0.68 5.73
C PHE A 22 -6.34 -0.29 6.24
N ARG A 23 -6.40 0.15 7.49
CA ARG A 23 -7.66 0.54 8.11
C ARG A 23 -7.81 2.06 8.10
N GLN A 24 -6.71 2.76 8.38
CA GLN A 24 -6.71 4.22 8.42
C GLN A 24 -6.00 4.79 7.20
N ASN A 25 -6.27 6.06 6.91
CA ASN A 25 -5.65 6.74 5.77
C ASN A 25 -4.18 7.03 6.05
N ILE A 26 -3.87 7.36 7.30
CA ILE A 26 -2.51 7.67 7.70
C ILE A 26 -1.58 6.47 7.48
N HIS A 27 -2.13 5.28 7.68
CA HIS A 27 -1.36 4.04 7.50
C HIS A 27 -0.95 3.87 6.04
N LEU A 28 -1.92 3.96 5.15
CA LEU A 28 -1.67 3.82 3.72
C LEU A 28 -0.67 4.85 3.23
N ALA A 29 -0.99 6.13 3.44
CA ALA A 29 -0.11 7.21 3.03
C ALA A 29 1.28 7.05 3.61
N SER A 30 1.36 6.48 4.82
CA SER A 30 2.63 6.27 5.49
C SER A 30 3.38 5.09 4.87
N HIS A 31 2.64 4.23 4.19
CA HIS A 31 3.24 3.05 3.55
C HIS A 31 3.64 3.37 2.11
N LEU A 32 2.68 3.84 1.32
CA LEU A 32 2.93 4.18 -0.07
C LEU A 32 4.31 4.82 -0.24
N ARG A 33 4.66 5.70 0.69
CA ARG A 33 5.96 6.37 0.64
C ARG A 33 7.09 5.37 0.48
N ILE A 34 7.03 4.29 1.25
CA ILE A 34 8.06 3.26 1.18
C ILE A 34 8.37 2.88 -0.26
N HIS A 35 7.42 3.12 -1.15
CA HIS A 35 7.60 2.82 -2.56
C HIS A 35 8.31 3.96 -3.28
N THR A 36 8.01 5.19 -2.88
CA THR A 36 8.62 6.37 -3.49
C THR A 36 9.76 6.88 -2.63
N GLY A 37 10.49 5.97 -1.99
CA GLY A 37 11.60 6.36 -1.16
C GLY A 37 12.59 7.25 -1.88
N GLU A 38 13.45 7.93 -1.12
CA GLU A 38 14.45 8.81 -1.70
C GLU A 38 15.86 8.29 -1.44
N LYS A 39 16.85 9.01 -1.96
CA LYS A 39 18.24 8.62 -1.79
C LYS A 39 18.53 8.24 -0.33
N PRO A 40 18.79 6.95 -0.10
CA PRO A 40 19.08 6.44 1.25
C PRO A 40 20.44 6.90 1.76
N SER A 41 20.66 6.72 3.06
CA SER A 41 21.93 7.12 3.68
C SER A 41 23.05 6.17 3.28
N GLY A 42 22.85 4.88 3.55
CA GLY A 42 23.85 3.89 3.22
C GLY A 42 23.29 2.50 3.11
N PRO A 43 23.42 1.71 4.19
CA PRO A 43 22.91 0.34 4.25
C PRO A 43 21.39 0.28 4.28
N SER A 44 20.82 -0.68 3.56
CA SER A 44 19.38 -0.85 3.51
C SER A 44 18.79 -0.95 4.91
N SER A 45 17.65 -0.29 5.11
CA SER A 45 16.99 -0.29 6.41
C SER A 45 16.13 -1.55 6.58
N GLY A 46 16.70 -2.70 6.21
CA GLY A 46 15.99 -3.95 6.32
C GLY A 46 14.80 -4.03 5.38
N GLY A 1 -1.78 -18.89 3.15
CA GLY A 1 -1.89 -19.05 4.59
C GLY A 1 -2.98 -18.19 5.19
N SER A 2 -4.23 -18.51 4.86
CA SER A 2 -5.36 -17.75 5.37
C SER A 2 -6.64 -18.57 5.31
N SER A 3 -7.32 -18.67 6.45
CA SER A 3 -8.56 -19.44 6.53
C SER A 3 -9.77 -18.56 6.23
N GLY A 4 -9.61 -17.26 6.44
CA GLY A 4 -10.70 -16.33 6.18
C GLY A 4 -10.35 -14.91 6.58
N SER A 5 -11.21 -14.29 7.39
CA SER A 5 -10.99 -12.92 7.83
C SER A 5 -11.25 -12.79 9.33
N SER A 6 -10.18 -12.60 10.09
CA SER A 6 -10.29 -12.45 11.54
C SER A 6 -10.64 -11.03 11.92
N GLY A 7 -11.66 -10.48 11.25
CA GLY A 7 -12.09 -9.12 11.54
C GLY A 7 -13.28 -8.70 10.70
N SER A 8 -14.23 -8.01 11.34
CA SER A 8 -15.42 -7.55 10.65
C SER A 8 -15.16 -6.24 9.91
N GLY A 9 -15.30 -6.28 8.58
CA GLY A 9 -15.07 -5.08 7.78
C GLY A 9 -13.77 -5.15 7.01
N GLU A 10 -13.86 -5.07 5.69
CA GLU A 10 -12.69 -5.11 4.83
C GLU A 10 -12.00 -3.75 4.78
N LYS A 11 -10.67 -3.76 4.79
CA LYS A 11 -9.89 -2.53 4.75
C LYS A 11 -10.17 -1.77 3.45
N PRO A 12 -10.68 -0.54 3.58
CA PRO A 12 -10.99 0.32 2.43
C PRO A 12 -9.74 0.81 1.71
N PHE A 13 -8.72 1.16 2.50
CA PHE A 13 -7.46 1.64 1.94
C PHE A 13 -6.60 0.49 1.43
N LYS A 14 -6.23 0.56 0.15
CA LYS A 14 -5.41 -0.47 -0.46
C LYS A 14 -4.37 0.13 -1.40
N CYS A 15 -3.10 -0.02 -1.05
CA CYS A 15 -2.01 0.51 -1.87
C CYS A 15 -2.21 0.18 -3.34
N LYS A 16 -2.03 1.17 -4.20
CA LYS A 16 -2.19 0.97 -5.63
C LYS A 16 -0.85 0.66 -6.30
N GLU A 17 0.08 0.11 -5.52
CA GLU A 17 1.39 -0.24 -6.03
C GLU A 17 1.71 -1.71 -5.76
N CYS A 18 1.44 -2.15 -4.54
CA CYS A 18 1.69 -3.53 -4.15
C CYS A 18 0.38 -4.28 -3.91
N GLY A 19 -0.52 -3.66 -3.15
CA GLY A 19 -1.79 -4.27 -2.85
C GLY A 19 -2.02 -4.43 -1.36
N LYS A 20 -1.26 -3.70 -0.56
CA LYS A 20 -1.39 -3.77 0.89
C LYS A 20 -2.58 -2.95 1.38
N ALA A 21 -3.42 -3.57 2.20
CA ALA A 21 -4.60 -2.89 2.72
C ALA A 21 -4.31 -2.29 4.10
N PHE A 22 -5.01 -1.21 4.42
CA PHE A 22 -4.83 -0.54 5.71
C PHE A 22 -6.17 -0.21 6.34
N ARG A 23 -6.16 0.03 7.65
CA ARG A 23 -7.38 0.37 8.38
C ARG A 23 -7.66 1.87 8.32
N GLN A 24 -6.60 2.67 8.50
CA GLN A 24 -6.74 4.12 8.47
C GLN A 24 -5.90 4.72 7.34
N ASN A 25 -6.38 5.82 6.79
CA ASN A 25 -5.68 6.49 5.70
C ASN A 25 -4.26 6.85 6.10
N ILE A 26 -4.09 7.24 7.37
CA ILE A 26 -2.78 7.62 7.88
C ILE A 26 -1.75 6.52 7.62
N HIS A 27 -2.20 5.27 7.68
CA HIS A 27 -1.31 4.13 7.44
C HIS A 27 -0.90 4.07 5.97
N LEU A 28 -1.89 4.09 5.08
CA LEU A 28 -1.62 4.03 3.64
C LEU A 28 -0.60 5.09 3.24
N ALA A 29 -0.87 6.34 3.60
CA ALA A 29 0.03 7.44 3.27
C ALA A 29 1.42 7.20 3.83
N SER A 30 1.48 6.54 5.00
CA SER A 30 2.75 6.25 5.64
C SER A 30 3.42 5.04 5.00
N HIS A 31 2.67 4.30 4.20
CA HIS A 31 3.19 3.12 3.52
C HIS A 31 3.67 3.47 2.12
N LEU A 32 2.81 4.15 1.36
CA LEU A 32 3.14 4.55 -0.01
C LEU A 32 4.56 5.11 -0.08
N ARG A 33 4.91 5.92 0.92
CA ARG A 33 6.24 6.53 0.96
C ARG A 33 7.34 5.47 0.77
N ILE A 34 7.10 4.29 1.33
CA ILE A 34 8.07 3.19 1.22
C ILE A 34 8.40 2.90 -0.24
N HIS A 35 7.45 3.20 -1.13
CA HIS A 35 7.65 2.96 -2.56
C HIS A 35 8.54 4.04 -3.17
N THR A 36 8.41 5.26 -2.66
CA THR A 36 9.20 6.39 -3.16
C THR A 36 10.32 6.73 -2.18
N GLY A 37 11.55 6.73 -2.69
CA GLY A 37 12.70 7.04 -1.86
C GLY A 37 13.56 8.14 -2.45
N GLU A 38 13.93 8.00 -3.72
CA GLU A 38 14.76 8.99 -4.39
C GLU A 38 14.08 9.50 -5.65
N LYS A 39 14.26 10.78 -5.94
CA LYS A 39 13.66 11.39 -7.13
C LYS A 39 14.44 12.65 -7.54
N PRO A 40 14.73 12.75 -8.84
CA PRO A 40 15.47 13.90 -9.40
C PRO A 40 14.64 15.18 -9.38
N SER A 41 13.35 15.03 -9.14
CA SER A 41 12.45 16.18 -9.11
C SER A 41 12.30 16.71 -7.67
N GLY A 42 12.47 15.82 -6.71
CA GLY A 42 12.34 16.21 -5.32
C GLY A 42 13.13 17.46 -4.99
N PRO A 43 14.47 17.33 -4.95
CA PRO A 43 15.36 18.44 -4.65
C PRO A 43 15.40 19.48 -5.78
N SER A 44 14.59 19.25 -6.80
CA SER A 44 14.53 20.16 -7.95
C SER A 44 14.77 21.60 -7.50
N SER A 45 14.08 22.01 -6.44
CA SER A 45 14.21 23.36 -5.92
C SER A 45 15.23 23.42 -4.80
N GLY A 46 16.42 23.95 -5.11
CA GLY A 46 17.48 24.05 -4.11
C GLY A 46 18.59 23.06 -4.35
N GLY A 1 -8.57 -29.69 -6.78
CA GLY A 1 -8.37 -28.27 -6.64
C GLY A 1 -9.67 -27.52 -6.42
N SER A 2 -10.16 -26.85 -7.47
CA SER A 2 -11.39 -26.09 -7.38
C SER A 2 -11.28 -24.98 -6.34
N SER A 3 -10.15 -24.29 -6.33
CA SER A 3 -9.92 -23.21 -5.38
C SER A 3 -9.41 -21.96 -6.09
N GLY A 4 -9.25 -20.88 -5.33
CA GLY A 4 -8.77 -19.64 -5.91
C GLY A 4 -8.33 -18.64 -4.85
N SER A 5 -9.30 -18.02 -4.20
CA SER A 5 -9.01 -17.02 -3.17
C SER A 5 -9.99 -17.16 -2.00
N SER A 6 -9.49 -16.96 -0.79
CA SER A 6 -10.32 -17.05 0.41
C SER A 6 -11.04 -15.74 0.67
N GLY A 7 -10.30 -14.63 0.55
CA GLY A 7 -10.88 -13.32 0.79
C GLY A 7 -11.56 -13.22 2.14
N SER A 8 -10.84 -12.70 3.13
CA SER A 8 -11.37 -12.55 4.47
C SER A 8 -11.26 -11.11 4.95
N GLY A 9 -10.05 -10.55 4.84
CA GLY A 9 -9.82 -9.18 5.27
C GLY A 9 -10.66 -8.19 4.49
N GLU A 10 -11.17 -7.18 5.20
CA GLU A 10 -12.00 -6.16 4.57
C GLU A 10 -11.51 -4.76 4.93
N LYS A 11 -10.48 -4.31 4.22
CA LYS A 11 -9.92 -2.98 4.47
C LYS A 11 -10.31 -2.01 3.35
N PRO A 12 -10.71 -0.79 3.75
CA PRO A 12 -11.11 0.25 2.80
C PRO A 12 -9.94 0.79 2.00
N PHE A 13 -8.80 0.98 2.66
CA PHE A 13 -7.60 1.48 2.00
C PHE A 13 -6.72 0.35 1.52
N LYS A 14 -6.34 0.40 0.25
CA LYS A 14 -5.49 -0.63 -0.33
C LYS A 14 -4.46 -0.01 -1.28
N CYS A 15 -3.19 -0.33 -1.05
CA CYS A 15 -2.11 0.19 -1.89
C CYS A 15 -2.30 -0.23 -3.34
N LYS A 16 -2.20 0.73 -4.25
CA LYS A 16 -2.35 0.47 -5.67
C LYS A 16 -1.00 0.19 -6.32
N GLU A 17 0.06 0.23 -5.52
CA GLU A 17 1.40 -0.02 -6.02
C GLU A 17 1.77 -1.49 -5.88
N CYS A 18 1.46 -2.06 -4.72
CA CYS A 18 1.75 -3.48 -4.46
C CYS A 18 0.48 -4.24 -4.14
N GLY A 19 -0.43 -3.60 -3.41
CA GLY A 19 -1.68 -4.24 -3.06
C GLY A 19 -1.92 -4.27 -1.56
N LYS A 20 -1.02 -3.63 -0.81
CA LYS A 20 -1.14 -3.58 0.64
C LYS A 20 -2.53 -3.14 1.05
N ALA A 21 -2.87 -3.37 2.32
CA ALA A 21 -4.17 -2.99 2.85
C ALA A 21 -4.03 -2.24 4.17
N PHE A 22 -5.00 -1.37 4.45
CA PHE A 22 -4.98 -0.58 5.68
C PHE A 22 -6.40 -0.24 6.12
N ARG A 23 -6.54 0.17 7.38
CA ARG A 23 -7.84 0.52 7.93
C ARG A 23 -7.92 2.02 8.24
N GLN A 24 -6.83 2.72 7.98
CA GLN A 24 -6.78 4.16 8.23
C GLN A 24 -6.12 4.89 7.06
N ASN A 25 -6.22 6.22 7.06
CA ASN A 25 -5.64 7.04 6.00
C ASN A 25 -4.17 7.29 6.26
N ILE A 26 -3.81 7.48 7.52
CA ILE A 26 -2.43 7.73 7.90
C ILE A 26 -1.55 6.53 7.60
N HIS A 27 -2.12 5.33 7.72
CA HIS A 27 -1.39 4.10 7.45
C HIS A 27 -0.96 4.03 6.00
N LEU A 28 -1.91 4.16 5.09
CA LEU A 28 -1.62 4.10 3.66
C LEU A 28 -0.59 5.15 3.27
N ALA A 29 -0.85 6.41 3.64
CA ALA A 29 0.06 7.50 3.34
C ALA A 29 1.44 7.24 3.91
N SER A 30 1.48 6.61 5.09
CA SER A 30 2.74 6.30 5.75
C SER A 30 3.42 5.11 5.10
N HIS A 31 2.66 4.37 4.29
CA HIS A 31 3.19 3.20 3.61
C HIS A 31 3.73 3.57 2.23
N LEU A 32 2.90 4.25 1.45
CA LEU A 32 3.29 4.68 0.11
C LEU A 32 4.72 5.21 0.10
N ARG A 33 5.15 5.77 1.23
CA ARG A 33 6.49 6.33 1.35
C ARG A 33 7.54 5.29 0.95
N ILE A 34 7.34 4.05 1.40
CA ILE A 34 8.27 2.97 1.09
C ILE A 34 8.30 2.68 -0.40
N HIS A 35 7.34 3.25 -1.13
CA HIS A 35 7.27 3.05 -2.57
C HIS A 35 7.83 4.26 -3.32
N THR A 36 7.76 5.43 -2.68
CA THR A 36 8.26 6.66 -3.28
C THR A 36 9.75 6.86 -2.96
N GLY A 37 10.59 6.67 -3.96
CA GLY A 37 12.03 6.85 -3.77
C GLY A 37 12.83 6.41 -4.97
N GLU A 38 12.46 5.27 -5.55
CA GLU A 38 13.16 4.74 -6.72
C GLU A 38 13.62 5.88 -7.62
N LYS A 39 14.70 5.63 -8.36
CA LYS A 39 15.25 6.63 -9.28
C LYS A 39 14.14 7.43 -9.94
N PRO A 40 14.39 8.73 -10.15
CA PRO A 40 13.41 9.62 -10.78
C PRO A 40 13.22 9.33 -12.26
N SER A 41 12.00 9.56 -12.75
CA SER A 41 11.68 9.31 -14.15
C SER A 41 11.23 10.59 -14.84
N GLY A 42 10.30 11.30 -14.21
CA GLY A 42 9.79 12.55 -14.78
C GLY A 42 9.04 13.38 -13.76
N PRO A 43 9.31 14.69 -13.76
CA PRO A 43 8.67 15.63 -12.84
C PRO A 43 7.19 15.83 -13.16
N SER A 44 6.91 16.13 -14.42
CA SER A 44 5.54 16.35 -14.87
C SER A 44 4.88 15.04 -15.32
N SER A 45 4.10 14.45 -14.43
CA SER A 45 3.42 13.20 -14.72
C SER A 45 2.19 13.43 -15.59
N GLY A 46 1.28 14.26 -15.09
CA GLY A 46 0.06 14.57 -15.83
C GLY A 46 -0.71 15.73 -15.24
N GLY A 1 -14.39 -17.63 -13.60
CA GLY A 1 -15.42 -18.51 -13.07
C GLY A 1 -16.45 -17.76 -12.26
N SER A 2 -16.34 -17.86 -10.93
CA SER A 2 -17.29 -17.19 -10.04
C SER A 2 -16.54 -16.38 -8.99
N SER A 3 -16.63 -15.06 -9.10
CA SER A 3 -15.97 -14.16 -8.16
C SER A 3 -16.65 -14.20 -6.80
N GLY A 4 -16.09 -14.99 -5.89
CA GLY A 4 -16.66 -15.11 -4.56
C GLY A 4 -15.71 -14.65 -3.48
N SER A 5 -16.25 -14.06 -2.42
CA SER A 5 -15.43 -13.57 -1.32
C SER A 5 -14.58 -14.70 -0.73
N SER A 6 -13.30 -14.69 -1.06
CA SER A 6 -12.38 -15.71 -0.56
C SER A 6 -11.23 -15.09 0.22
N GLY A 7 -10.93 -15.67 1.37
CA GLY A 7 -9.85 -15.16 2.20
C GLY A 7 -10.35 -14.23 3.29
N SER A 8 -9.67 -13.10 3.46
CA SER A 8 -10.04 -12.13 4.48
C SER A 8 -9.31 -10.81 4.26
N GLY A 9 -10.08 -9.72 4.17
CA GLY A 9 -9.49 -8.41 3.97
C GLY A 9 -10.52 -7.31 3.93
N GLU A 10 -11.16 -7.06 5.06
CA GLU A 10 -12.18 -6.02 5.16
C GLU A 10 -11.55 -4.64 5.32
N LYS A 11 -10.52 -4.36 4.52
CA LYS A 11 -9.83 -3.09 4.56
C LYS A 11 -10.13 -2.25 3.33
N PRO A 12 -10.64 -1.03 3.56
CA PRO A 12 -10.98 -0.11 2.46
C PRO A 12 -9.75 0.43 1.74
N PHE A 13 -8.79 0.93 2.51
CA PHE A 13 -7.56 1.47 1.94
C PHE A 13 -6.70 0.36 1.35
N LYS A 14 -6.23 0.58 0.11
CA LYS A 14 -5.40 -0.41 -0.56
C LYS A 14 -4.28 0.28 -1.36
N CYS A 15 -3.09 -0.29 -1.29
CA CYS A 15 -1.94 0.26 -1.99
C CYS A 15 -1.96 -0.14 -3.47
N LYS A 16 -2.39 0.78 -4.33
CA LYS A 16 -2.46 0.53 -5.76
C LYS A 16 -1.09 0.13 -6.30
N GLU A 17 -0.05 0.32 -5.49
CA GLU A 17 1.30 -0.03 -5.90
C GLU A 17 1.56 -1.53 -5.76
N CYS A 18 1.53 -2.01 -4.52
CA CYS A 18 1.75 -3.43 -4.26
C CYS A 18 0.43 -4.14 -3.96
N GLY A 19 -0.42 -3.50 -3.17
CA GLY A 19 -1.70 -4.08 -2.82
C GLY A 19 -1.94 -4.10 -1.32
N LYS A 20 -0.97 -3.60 -0.56
CA LYS A 20 -1.08 -3.56 0.89
C LYS A 20 -2.30 -2.76 1.32
N ALA A 21 -3.14 -3.37 2.16
CA ALA A 21 -4.35 -2.71 2.65
C ALA A 21 -4.10 -2.06 4.00
N PHE A 22 -5.03 -1.20 4.41
CA PHE A 22 -4.92 -0.50 5.69
C PHE A 22 -6.29 -0.17 6.25
N ARG A 23 -6.32 0.23 7.52
CA ARG A 23 -7.58 0.57 8.18
C ARG A 23 -7.80 2.07 8.16
N GLN A 24 -6.74 2.83 8.39
CA GLN A 24 -6.82 4.29 8.39
C GLN A 24 -5.96 4.89 7.28
N ASN A 25 -6.29 6.12 6.90
CA ASN A 25 -5.54 6.81 5.85
C ASN A 25 -4.09 7.01 6.25
N ILE A 26 -3.87 7.44 7.49
CA ILE A 26 -2.53 7.66 8.00
C ILE A 26 -1.61 6.48 7.69
N HIS A 27 -2.17 5.28 7.75
CA HIS A 27 -1.41 4.06 7.46
C HIS A 27 -0.98 4.01 6.00
N LEU A 28 -1.96 4.12 5.11
CA LEU A 28 -1.69 4.08 3.67
C LEU A 28 -0.65 5.13 3.29
N ALA A 29 -0.93 6.39 3.63
CA ALA A 29 0.00 7.48 3.33
C ALA A 29 1.37 7.22 3.92
N SER A 30 1.40 6.58 5.09
CA SER A 30 2.65 6.28 5.77
C SER A 30 3.34 5.08 5.13
N HIS A 31 2.60 4.36 4.29
CA HIS A 31 3.15 3.19 3.61
C HIS A 31 3.67 3.57 2.22
N LEU A 32 2.82 4.21 1.43
CA LEU A 32 3.20 4.62 0.08
C LEU A 32 4.63 5.13 0.05
N ARG A 33 5.11 5.61 1.20
CA ARG A 33 6.47 6.13 1.30
C ARG A 33 7.49 5.08 0.86
N ILE A 34 7.32 3.86 1.35
CA ILE A 34 8.22 2.76 1.01
C ILE A 34 8.30 2.57 -0.50
N HIS A 35 7.37 3.20 -1.23
CA HIS A 35 7.33 3.10 -2.68
C HIS A 35 7.77 4.41 -3.32
N THR A 36 7.42 5.52 -2.69
CA THR A 36 7.76 6.84 -3.21
C THR A 36 9.25 6.95 -3.48
N GLY A 37 9.63 7.88 -4.36
CA GLY A 37 11.03 8.06 -4.70
C GLY A 37 11.40 9.53 -4.81
N GLU A 38 11.85 9.92 -6.01
CA GLU A 38 12.24 11.31 -6.26
C GLU A 38 11.03 12.16 -6.62
N LYS A 39 11.19 13.48 -6.49
CA LYS A 39 10.11 14.41 -6.80
C LYS A 39 10.67 15.77 -7.18
N PRO A 40 9.90 16.52 -8.00
CA PRO A 40 10.30 17.86 -8.44
C PRO A 40 10.27 18.88 -7.31
N SER A 41 11.42 19.51 -7.05
CA SER A 41 11.53 20.51 -6.01
C SER A 41 12.31 21.72 -6.49
N GLY A 42 11.62 22.86 -6.55
CA GLY A 42 12.26 24.08 -7.00
C GLY A 42 13.29 24.60 -6.02
N PRO A 43 12.88 25.53 -5.15
CA PRO A 43 13.76 26.11 -4.13
C PRO A 43 14.14 25.11 -3.04
N SER A 44 15.32 24.52 -3.17
CA SER A 44 15.80 23.55 -2.20
C SER A 44 15.76 24.13 -0.78
N SER A 45 15.60 23.25 0.20
CA SER A 45 15.55 23.67 1.59
C SER A 45 14.83 25.00 1.73
N GLY A 46 13.73 25.16 0.99
CA GLY A 46 12.96 26.39 1.04
C GLY A 46 11.49 26.14 1.27
N GLY A 1 -13.15 -26.55 0.86
CA GLY A 1 -12.96 -25.65 -0.26
C GLY A 1 -11.51 -25.25 -0.43
N SER A 2 -11.22 -24.52 -1.51
CA SER A 2 -9.86 -24.08 -1.79
C SER A 2 -9.70 -22.59 -1.48
N SER A 3 -8.52 -22.06 -1.76
CA SER A 3 -8.23 -20.65 -1.51
C SER A 3 -8.71 -20.24 -0.12
N GLY A 4 -8.36 -21.05 0.88
CA GLY A 4 -8.76 -20.76 2.25
C GLY A 4 -7.87 -19.74 2.90
N SER A 5 -7.86 -18.53 2.37
CA SER A 5 -7.04 -17.45 2.91
C SER A 5 -7.84 -16.55 3.84
N SER A 6 -7.59 -16.67 5.13
CA SER A 6 -8.30 -15.87 6.13
C SER A 6 -8.44 -14.42 5.67
N GLY A 7 -9.56 -13.80 6.02
CA GLY A 7 -9.79 -12.42 5.64
C GLY A 7 -10.42 -11.60 6.76
N SER A 8 -9.65 -11.38 7.82
CA SER A 8 -10.14 -10.62 8.97
C SER A 8 -9.70 -9.15 8.87
N GLY A 9 -10.40 -8.38 8.05
CA GLY A 9 -10.08 -6.98 7.88
C GLY A 9 -10.72 -6.38 6.64
N GLU A 10 -11.42 -5.28 6.83
CA GLU A 10 -12.09 -4.60 5.71
C GLU A 10 -11.25 -3.43 5.21
N LYS A 11 -9.94 -3.51 5.42
CA LYS A 11 -9.03 -2.46 4.99
C LYS A 11 -9.52 -1.81 3.71
N PRO A 12 -10.23 -0.68 3.84
CA PRO A 12 -10.77 0.07 2.70
C PRO A 12 -9.68 0.74 1.88
N PHE A 13 -8.58 1.09 2.53
CA PHE A 13 -7.46 1.74 1.86
C PHE A 13 -6.48 0.70 1.32
N LYS A 14 -6.49 0.51 0.00
CA LYS A 14 -5.60 -0.44 -0.64
C LYS A 14 -4.40 0.26 -1.25
N CYS A 15 -3.23 -0.37 -1.14
CA CYS A 15 -2.00 0.20 -1.68
C CYS A 15 -1.98 0.11 -3.21
N LYS A 16 -1.85 1.25 -3.85
CA LYS A 16 -1.81 1.31 -5.31
C LYS A 16 -0.41 1.02 -5.84
N GLU A 17 0.39 0.32 -5.03
CA GLU A 17 1.75 -0.02 -5.42
C GLU A 17 1.99 -1.52 -5.30
N CYS A 18 1.59 -2.10 -4.17
CA CYS A 18 1.76 -3.53 -3.94
C CYS A 18 0.42 -4.19 -3.61
N GLY A 19 -0.54 -3.38 -3.19
CA GLY A 19 -1.85 -3.90 -2.84
C GLY A 19 -2.13 -3.84 -1.36
N LYS A 20 -1.07 -3.78 -0.56
CA LYS A 20 -1.20 -3.72 0.89
C LYS A 20 -2.39 -2.86 1.30
N ALA A 21 -3.30 -3.44 2.08
CA ALA A 21 -4.48 -2.73 2.55
C ALA A 21 -4.30 -2.22 3.97
N PHE A 22 -5.05 -1.19 4.32
CA PHE A 22 -4.97 -0.61 5.67
C PHE A 22 -6.35 -0.21 6.17
N ARG A 23 -6.43 0.13 7.45
CA ARG A 23 -7.69 0.52 8.06
C ARG A 23 -7.80 2.05 8.15
N GLN A 24 -6.66 2.70 8.35
CA GLN A 24 -6.62 4.16 8.46
C GLN A 24 -5.89 4.77 7.27
N ASN A 25 -6.36 5.93 6.83
CA ASN A 25 -5.75 6.62 5.70
C ASN A 25 -4.30 6.97 6.00
N ILE A 26 -4.02 7.32 7.25
CA ILE A 26 -2.67 7.67 7.66
C ILE A 26 -1.69 6.52 7.42
N HIS A 27 -2.15 5.30 7.71
CA HIS A 27 -1.32 4.11 7.51
C HIS A 27 -0.91 3.97 6.05
N LEU A 28 -1.89 4.01 5.16
CA LEU A 28 -1.64 3.89 3.73
C LEU A 28 -0.62 4.91 3.26
N ALA A 29 -0.90 6.19 3.55
CA ALA A 29 0.01 7.27 3.17
C ALA A 29 1.38 7.10 3.81
N SER A 30 1.43 6.32 4.88
CA SER A 30 2.68 6.07 5.59
C SER A 30 3.43 4.89 4.99
N HIS A 31 2.71 4.05 4.26
CA HIS A 31 3.31 2.88 3.62
C HIS A 31 3.71 3.19 2.19
N LEU A 32 2.82 3.82 1.44
CA LEU A 32 3.09 4.17 0.05
C LEU A 32 4.41 4.93 -0.08
N ARG A 33 4.77 5.65 0.98
CA ARG A 33 6.01 6.42 0.99
C ARG A 33 7.21 5.53 0.71
N ILE A 34 7.06 4.23 1.02
CA ILE A 34 8.14 3.27 0.81
C ILE A 34 8.22 2.87 -0.66
N HIS A 35 7.19 3.21 -1.43
CA HIS A 35 7.15 2.89 -2.85
C HIS A 35 7.54 4.10 -3.70
N THR A 36 7.33 5.29 -3.15
CA THR A 36 7.65 6.52 -3.84
C THR A 36 9.16 6.65 -4.07
N GLY A 37 9.64 6.02 -5.13
CA GLY A 37 11.07 6.07 -5.43
C GLY A 37 11.93 5.79 -4.22
N GLU A 38 12.35 4.54 -4.07
CA GLU A 38 13.19 4.14 -2.94
C GLU A 38 14.13 3.01 -3.34
N LYS A 39 15.41 3.19 -3.04
CA LYS A 39 16.42 2.19 -3.36
C LYS A 39 17.36 1.96 -2.19
N PRO A 40 17.66 0.69 -1.90
CA PRO A 40 18.56 0.31 -0.80
C PRO A 40 20.01 0.70 -1.08
N SER A 41 20.63 1.35 -0.11
CA SER A 41 22.02 1.78 -0.24
C SER A 41 22.95 0.57 -0.29
N GLY A 42 24.14 0.77 -0.86
CA GLY A 42 25.11 -0.30 -0.97
C GLY A 42 25.74 -0.39 -2.34
N PRO A 43 25.17 -1.25 -3.20
CA PRO A 43 25.66 -1.45 -4.56
C PRO A 43 25.40 -0.25 -5.45
N SER A 44 26.48 0.37 -5.94
CA SER A 44 26.36 1.54 -6.80
C SER A 44 26.57 1.16 -8.27
N SER A 45 27.70 0.53 -8.55
CA SER A 45 28.02 0.10 -9.91
C SER A 45 26.91 -0.77 -10.48
N GLY A 46 26.87 -0.88 -11.81
CA GLY A 46 25.86 -1.68 -12.47
C GLY A 46 25.89 -3.13 -12.01
#